data_7SDE
#
_entry.id   7SDE
#
loop_
_entity.id
_entity.type
_entity.pdbx_description
1 polymer 'Non-structural maintenance of chromosome element 5'
2 polymer 'Ubiquitin-like protein SMT3,DNA repair protein KRE29 chimera'
#
loop_
_entity_poly.entity_id
_entity_poly.type
_entity_poly.pdbx_seq_one_letter_code
_entity_poly.pdbx_strand_id
1 'polypeptide(L)'
;MDGALINSVLYVSPRNGAHYFVELTEKHLLAFEMLNSMCLLENYDHVLLFLECQFGKSHNLAVIPFDIILVLFTLSTLSE
YYKEPILRANDPYNTSRETLSRRALKLLQKYLAILKEFDSEQYNLYDLELLRCQFFLAIDTLTPKKQKWGFDRFRRTKSE
SGVTYRQNASVDPELDQAKTFKNPYRSYISCLEQRNTILGNRLLNLKLNEPGEFINMILWTLSNSLQESTPLFLSSHEIW
MPLLEILIDLFSCRQDYFIQHEAQNVSKSLFVQRLSESPLAVFFESLNTRNFANRFSEYVFLNCDYKLPSDNYATPVHPV
YNGENTIVDTYIPTIKCSPLYKSQKSLALRRKLIGSCFKLLLRVPDGHRLITPRIVADDVIQGISRTLASFNDILQFKKF
FMTENLSQESYFIPLLAEGTLSEILKDTQECVVILTLVENLSDGVSFCNEVIGLVKSKCFAFTEQCSQASYEEAVLNIEK
CDVCLLVLLRYLLHLIGTEAILDAKEQLEMLHAIEKNDSGRRQWAKALNLGNDPPLLYPIVSQMFGVHDKSVIIE
;
A
2 'polypeptide(L)'
;MGSSHHHHHHSSGLVPRGSHMASMSDSEVNQEAKPEVKPEVKPETHINLKVSDGSSEIFFKIKKTTPLRRLMEAFAKRQG
KEMDSLRFLYDGIRIQADQTPEDLDMEDNDIIEAHREQIGGSMGSVNSSPNEEFETVPDSQISGFDSPLIPTSVGSYFRD
DDDDEKVHPNFISDPENDSLNSDEEFSSLENSDLNLSGAKAESGDDFDPILKRTIISKRKAPSNNEDEEIVKTPRKLVNY
VPLKIFNLGDSFDDTITTTVAKLQDLKKEILDSPRSNKSIVITSNTVAKSELQKSIKFSGSIPEIYLDVVTKETISDKYK
DWHFISKNCHYEQLMDLEMKDTAYSFLFGSSRSQGKVPEFVHLKCPSITNLLVLFGVNQEKCNSLKINYEKKENSRYDNL
CTIFPVNKMLKFLMYFYSDDDNDDVREFFLKAFICLILDRKVFNAMESDHRLCFKVLELFNEAHFINSYFEIVDKNDFFL
HYRLLQIFPHLQSALLRRRFSEKQGRTETIQQNIIKEFNEFFDCKNYKNLLYFILTMYGSKFIPFGPKCQVTEYFKDCIL
DISNETTNDVEISILKGILNLFSKIR
;
B
#
# COMPACT_ATOMS: atom_id res chain seq x y z
N GLY A 17 -33.05 -5.12 -4.90
CA GLY A 17 -32.14 -4.10 -5.40
C GLY A 17 -32.84 -2.78 -5.67
N ALA A 18 -32.82 -1.91 -4.67
CA ALA A 18 -33.46 -0.60 -4.79
C ALA A 18 -32.47 0.55 -4.66
N HIS A 19 -31.60 0.48 -3.66
CA HIS A 19 -30.61 1.52 -3.43
C HIS A 19 -29.26 1.20 -4.06
N TYR A 20 -28.56 2.25 -4.46
CA TYR A 20 -27.23 2.23 -5.10
C TYR A 20 -27.06 1.59 -6.50
N PHE A 21 -28.16 1.13 -7.10
CA PHE A 21 -28.11 0.50 -8.40
C PHE A 21 -28.43 1.56 -9.44
N VAL A 22 -27.49 1.78 -10.35
CA VAL A 22 -27.66 2.77 -11.40
C VAL A 22 -27.57 2.10 -12.76
N GLU A 23 -28.59 2.30 -13.59
CA GLU A 23 -28.62 1.72 -14.93
C GLU A 23 -27.60 2.35 -15.86
N LEU A 24 -27.09 1.57 -16.79
CA LEU A 24 -26.10 2.07 -17.73
C LEU A 24 -26.79 2.69 -18.95
N THR A 25 -25.98 3.36 -19.77
CA THR A 25 -26.43 3.96 -21.02
C THR A 25 -25.92 3.15 -22.20
N GLU A 26 -26.25 3.61 -23.41
CA GLU A 26 -25.79 2.92 -24.60
C GLU A 26 -24.29 3.08 -24.82
N LYS A 27 -23.69 4.13 -24.25
CA LYS A 27 -22.24 4.27 -24.33
C LYS A 27 -21.53 3.21 -23.49
N HIS A 28 -22.03 2.96 -22.28
CA HIS A 28 -21.39 2.01 -21.38
C HIS A 28 -21.77 0.57 -21.68
N LEU A 29 -22.93 0.34 -22.31
CA LEU A 29 -23.31 -1.03 -22.63
C LEU A 29 -22.37 -1.64 -23.65
N LEU A 30 -21.99 -0.86 -24.67
CA LEU A 30 -21.03 -1.36 -25.65
C LEU A 30 -19.69 -1.67 -25.01
N ALA A 31 -19.24 -0.80 -24.11
CA ALA A 31 -17.99 -1.05 -23.38
C ALA A 31 -18.07 -2.34 -22.59
N PHE A 32 -19.16 -2.53 -21.85
CA PHE A 32 -19.33 -3.73 -21.03
C PHE A 32 -19.33 -4.97 -21.91
N GLU A 33 -20.06 -4.94 -23.02
CA GLU A 33 -20.15 -6.11 -23.88
C GLU A 33 -18.82 -6.43 -24.53
N MET A 34 -18.09 -5.40 -24.99
CA MET A 34 -16.78 -5.63 -25.59
C MET A 34 -15.81 -6.20 -24.57
N LEU A 35 -15.84 -5.69 -23.33
CA LEU A 35 -14.95 -6.21 -22.29
C LEU A 35 -15.27 -7.66 -21.98
N ASN A 36 -16.55 -7.99 -21.82
CA ASN A 36 -16.92 -9.37 -21.52
C ASN A 36 -16.60 -10.31 -22.67
N SER A 37 -16.73 -9.85 -23.91
CA SER A 37 -16.36 -10.69 -25.05
C SER A 37 -14.86 -10.88 -25.15
N MET A 38 -14.08 -9.85 -24.81
CA MET A 38 -12.64 -10.00 -24.77
C MET A 38 -12.22 -10.97 -23.68
N CYS A 39 -12.91 -10.94 -22.54
CA CYS A 39 -12.60 -11.87 -21.46
C CYS A 39 -13.02 -13.30 -21.81
N LEU A 40 -14.08 -13.45 -22.61
CA LEU A 40 -14.53 -14.79 -22.98
C LEU A 40 -13.48 -15.55 -23.76
N LEU A 41 -12.70 -14.85 -24.60
CA LEU A 41 -11.64 -15.46 -25.37
C LEU A 41 -10.33 -15.60 -24.59
N GLU A 42 -10.37 -15.41 -23.27
CA GLU A 42 -9.18 -15.45 -22.42
C GLU A 42 -8.12 -14.46 -22.89
N ASN A 43 -8.55 -13.33 -23.42
CA ASN A 43 -7.63 -12.29 -23.87
C ASN A 43 -7.55 -11.19 -22.80
N TYR A 44 -6.96 -11.56 -21.66
CA TYR A 44 -6.91 -10.66 -20.52
C TYR A 44 -5.96 -9.50 -20.75
N ASP A 45 -4.94 -9.69 -21.60
CA ASP A 45 -4.00 -8.61 -21.88
C ASP A 45 -4.73 -7.40 -22.45
N HIS A 46 -5.57 -7.62 -23.46
CA HIS A 46 -6.35 -6.52 -24.02
C HIS A 46 -7.37 -6.00 -23.03
N VAL A 47 -7.88 -6.86 -22.14
CA VAL A 47 -8.82 -6.40 -21.12
C VAL A 47 -8.15 -5.40 -20.18
N LEU A 48 -6.88 -5.63 -19.85
CA LEU A 48 -6.14 -4.67 -19.03
C LEU A 48 -5.79 -3.43 -19.83
N LEU A 49 -5.34 -3.61 -21.09
CA LEU A 49 -4.93 -2.48 -21.91
C LEU A 49 -6.09 -1.53 -22.19
N PHE A 50 -7.31 -2.06 -22.33
CA PHE A 50 -8.48 -1.23 -22.57
C PHE A 50 -8.67 -0.22 -21.44
N LEU A 51 -8.52 -0.66 -20.20
CA LEU A 51 -8.69 0.24 -19.06
C LEU A 51 -7.46 1.10 -18.82
N GLU A 52 -6.27 0.61 -19.18
CA GLU A 52 -5.04 1.33 -18.89
C GLU A 52 -4.78 2.45 -19.88
N CYS A 53 -5.08 2.21 -21.15
CA CYS A 53 -4.81 3.20 -22.19
C CYS A 53 -5.75 4.39 -22.23
N GLN A 54 -6.53 4.60 -21.17
CA GLN A 54 -7.45 5.73 -21.16
C GLN A 54 -7.60 6.32 -19.78
N PHE A 55 -6.68 5.99 -18.89
CA PHE A 55 -6.75 6.51 -17.53
C PHE A 55 -6.41 7.99 -17.40
N GLY A 56 -5.21 8.38 -17.84
CA GLY A 56 -4.78 9.76 -17.75
C GLY A 56 -5.10 10.59 -18.97
N LYS A 57 -6.35 10.53 -19.43
CA LYS A 57 -6.77 11.28 -20.60
C LYS A 57 -7.90 12.23 -20.21
N SER A 58 -8.84 12.42 -21.12
CA SER A 58 -9.98 13.30 -20.87
C SER A 58 -10.99 12.63 -19.95
N HIS A 59 -11.91 13.45 -19.42
CA HIS A 59 -12.84 13.00 -18.40
C HIS A 59 -13.91 12.07 -18.97
N ASN A 60 -13.60 10.79 -19.06
CA ASN A 60 -14.56 9.79 -19.50
C ASN A 60 -14.76 8.68 -18.49
N LEU A 61 -13.68 8.22 -17.85
CA LEU A 61 -13.75 7.21 -16.80
C LEU A 61 -14.42 5.93 -17.30
N ALA A 62 -13.72 5.25 -18.21
CA ALA A 62 -14.17 3.93 -18.62
C ALA A 62 -14.26 3.05 -17.38
N VAL A 63 -15.48 2.72 -16.96
CA VAL A 63 -15.71 2.04 -15.69
C VAL A 63 -15.74 0.53 -15.94
N ILE A 64 -15.19 -0.22 -15.00
CA ILE A 64 -15.16 -1.68 -15.16
C ILE A 64 -16.49 -2.27 -14.68
N PRO A 65 -17.09 -3.20 -15.41
CA PRO A 65 -18.26 -3.90 -14.89
C PRO A 65 -17.86 -4.85 -13.77
N PHE A 66 -18.82 -5.14 -12.89
CA PHE A 66 -18.52 -5.98 -11.74
C PHE A 66 -18.11 -7.38 -12.16
N ASP A 67 -18.67 -7.89 -13.25
CA ASP A 67 -18.23 -9.16 -13.80
C ASP A 67 -16.80 -9.12 -14.29
N ILE A 68 -16.22 -7.93 -14.44
CA ILE A 68 -14.81 -7.79 -14.74
C ILE A 68 -13.99 -7.41 -13.51
N ILE A 69 -14.59 -6.72 -12.54
CA ILE A 69 -13.92 -6.49 -11.26
C ILE A 69 -13.63 -7.82 -10.56
N LEU A 70 -14.54 -8.79 -10.68
CA LEU A 70 -14.29 -10.12 -10.12
C LEU A 70 -13.14 -10.81 -10.84
N VAL A 71 -13.09 -10.69 -12.17
CA VAL A 71 -11.99 -11.29 -12.91
C VAL A 71 -10.67 -10.62 -12.54
N LEU A 72 -10.71 -9.32 -12.23
CA LEU A 72 -9.51 -8.63 -11.79
C LEU A 72 -9.07 -9.12 -10.41
N PHE A 73 -10.02 -9.26 -9.48
CA PHE A 73 -9.71 -9.79 -8.16
C PHE A 73 -9.12 -11.18 -8.23
N THR A 74 -9.57 -11.99 -9.20
CA THR A 74 -9.04 -13.33 -9.34
C THR A 74 -7.72 -13.36 -10.10
N LEU A 75 -7.51 -12.41 -11.01
CA LEU A 75 -6.23 -12.30 -11.71
C LEU A 75 -5.14 -11.82 -10.76
N SER A 76 -5.50 -10.93 -9.85
CA SER A 76 -4.54 -10.38 -8.90
C SER A 76 -3.99 -11.41 -7.94
N THR A 77 -4.53 -12.62 -7.98
CA THR A 77 -4.08 -13.69 -7.10
C THR A 77 -3.21 -14.64 -7.88
N LEU A 78 -2.86 -14.25 -9.11
CA LEU A 78 -2.01 -15.07 -9.96
C LEU A 78 -0.60 -14.53 -10.02
N SER A 79 0.00 -14.31 -8.85
CA SER A 79 1.34 -13.77 -8.76
C SER A 79 2.39 -14.62 -9.47
N GLU A 80 3.40 -13.97 -10.03
CA GLU A 80 4.44 -14.66 -10.77
C GLU A 80 5.42 -15.48 -9.94
N TYR A 81 5.34 -15.38 -8.62
CA TYR A 81 6.26 -16.15 -7.77
C TYR A 81 5.98 -17.66 -7.79
N TYR A 82 4.73 -18.06 -8.02
CA TYR A 82 4.42 -19.49 -8.07
C TYR A 82 3.80 -19.93 -9.39
N LYS A 83 3.35 -18.98 -10.21
CA LYS A 83 2.78 -19.32 -11.51
C LYS A 83 3.49 -18.48 -12.55
N GLU A 84 4.68 -18.91 -12.95
CA GLU A 84 5.39 -18.30 -14.07
C GLU A 84 4.94 -18.85 -15.41
N PRO A 85 4.82 -20.19 -15.58
CA PRO A 85 4.48 -20.70 -16.92
C PRO A 85 3.12 -20.26 -17.41
N ILE A 86 2.11 -20.22 -16.55
CA ILE A 86 0.77 -19.80 -16.98
C ILE A 86 0.82 -18.37 -17.50
N LEU A 87 1.43 -17.47 -16.73
CA LEU A 87 1.52 -16.07 -17.13
C LEU A 87 2.33 -15.91 -18.41
N ARG A 88 3.48 -16.59 -18.49
CA ARG A 88 4.33 -16.50 -19.67
C ARG A 88 3.71 -17.14 -20.90
N ALA A 89 2.75 -18.04 -20.73
CA ALA A 89 2.07 -18.65 -21.86
C ALA A 89 0.81 -17.93 -22.26
N ASN A 90 0.31 -17.05 -21.40
CA ASN A 90 -0.88 -16.28 -21.74
C ASN A 90 -0.50 -15.26 -22.80
N ASP A 91 0.47 -14.41 -22.48
CA ASP A 91 0.94 -13.39 -23.42
C ASP A 91 2.47 -13.43 -23.56
N PRO A 92 2.96 -14.16 -24.56
CA PRO A 92 4.39 -14.34 -24.84
C PRO A 92 5.18 -13.03 -24.99
N TYR A 93 4.67 -12.07 -25.76
CA TYR A 93 5.40 -10.82 -25.97
C TYR A 93 5.62 -9.96 -24.72
N ASN A 94 4.61 -9.86 -23.87
CA ASN A 94 4.71 -9.09 -22.63
C ASN A 94 5.20 -7.65 -22.84
N THR A 95 4.63 -6.99 -23.85
CA THR A 95 4.99 -5.62 -24.21
C THR A 95 5.18 -4.62 -23.05
N SER A 96 4.39 -4.76 -22.00
CA SER A 96 4.46 -3.84 -20.87
C SER A 96 5.59 -4.17 -19.91
N ARG A 97 6.33 -5.25 -20.13
CA ARG A 97 7.35 -5.73 -19.21
C ARG A 97 6.78 -5.87 -17.79
N GLU A 98 5.59 -6.46 -17.71
CA GLU A 98 4.87 -6.61 -16.44
C GLU A 98 4.11 -7.92 -16.47
N THR A 99 3.39 -8.21 -15.39
CA THR A 99 2.58 -9.41 -15.29
C THR A 99 1.14 -9.01 -14.99
N LEU A 100 0.21 -9.94 -15.27
CA LEU A 100 -1.21 -9.63 -15.14
C LEU A 100 -1.58 -9.28 -13.70
N SER A 101 -0.98 -9.98 -12.75
CA SER A 101 -1.27 -9.75 -11.34
C SER A 101 -0.77 -8.40 -10.87
N ARG A 102 0.38 -7.97 -11.39
CA ARG A 102 0.95 -6.69 -11.00
C ARG A 102 0.14 -5.56 -11.61
N ARG A 103 -0.41 -5.81 -12.79
CA ARG A 103 -1.21 -4.82 -13.50
C ARG A 103 -2.62 -4.73 -12.91
N ALA A 104 -3.27 -5.88 -12.76
CA ALA A 104 -4.60 -5.94 -12.18
C ALA A 104 -4.65 -5.25 -10.82
N LEU A 105 -3.61 -5.46 -10.00
CA LEU A 105 -3.56 -4.79 -8.71
C LEU A 105 -3.42 -3.28 -8.87
N LYS A 106 -2.63 -2.84 -9.85
CA LYS A 106 -2.52 -1.40 -10.11
C LYS A 106 -3.86 -0.80 -10.50
N LEU A 107 -4.59 -1.47 -11.40
CA LEU A 107 -5.89 -0.97 -11.82
C LEU A 107 -6.88 -0.95 -10.66
N LEU A 108 -6.86 -1.98 -9.82
CA LEU A 108 -7.76 -2.04 -8.69
C LEU A 108 -7.49 -0.87 -7.76
N GLN A 109 -6.22 -0.64 -7.45
CA GLN A 109 -5.82 0.46 -6.59
C GLN A 109 -6.16 1.82 -7.17
N LYS A 110 -6.01 1.94 -8.49
CA LYS A 110 -6.30 3.19 -9.19
C LYS A 110 -7.77 3.53 -9.13
N TYR A 111 -8.62 2.56 -9.45
CA TYR A 111 -10.07 2.78 -9.39
C TYR A 111 -10.58 2.88 -7.96
N LEU A 112 -9.89 2.26 -7.00
CA LEU A 112 -10.31 2.37 -5.61
C LEU A 112 -9.98 3.76 -5.06
N ALA A 113 -8.80 4.28 -5.38
CA ALA A 113 -8.45 5.64 -4.98
C ALA A 113 -9.33 6.66 -5.70
N ILE A 114 -9.82 6.31 -6.89
CA ILE A 114 -10.82 7.15 -7.55
C ILE A 114 -12.13 7.13 -6.77
N LEU A 115 -12.58 5.92 -6.40
CA LEU A 115 -13.84 5.78 -5.68
C LEU A 115 -13.81 6.52 -4.34
N LYS A 116 -12.66 6.54 -3.68
CA LYS A 116 -12.56 7.25 -2.40
C LYS A 116 -12.54 8.76 -2.57
N GLU A 117 -12.60 9.27 -3.80
CA GLU A 117 -12.61 10.71 -4.08
C GLU A 117 -13.78 10.99 -5.02
N PHE A 118 -14.96 11.24 -4.43
CA PHE A 118 -16.16 11.54 -5.20
C PHE A 118 -16.26 13.05 -5.36
N ASP A 119 -15.60 13.57 -6.40
CA ASP A 119 -15.61 15.00 -6.70
C ASP A 119 -16.22 15.22 -8.08
N SER A 120 -16.98 16.31 -8.20
CA SER A 120 -17.58 16.69 -9.46
C SER A 120 -16.62 17.39 -10.41
N GLU A 121 -15.46 17.84 -9.90
CA GLU A 121 -14.42 18.40 -10.73
C GLU A 121 -13.58 17.33 -11.43
N GLN A 122 -14.09 16.11 -11.47
CA GLN A 122 -13.41 14.99 -12.09
C GLN A 122 -14.36 14.39 -13.12
N TYR A 123 -14.03 13.19 -13.59
CA TYR A 123 -14.60 12.56 -14.78
C TYR A 123 -16.08 12.85 -15.02
N ASN A 124 -16.94 12.54 -14.06
CA ASN A 124 -18.38 12.73 -14.20
C ASN A 124 -19.05 12.43 -12.88
N LEU A 125 -20.22 13.02 -12.68
CA LEU A 125 -21.04 12.69 -11.53
C LEU A 125 -21.90 11.46 -11.76
N TYR A 126 -21.91 10.91 -12.98
CA TYR A 126 -22.67 9.71 -13.29
C TYR A 126 -21.77 8.48 -13.45
N ASP A 127 -20.63 8.62 -14.13
CA ASP A 127 -19.70 7.50 -14.22
C ASP A 127 -19.14 7.14 -12.85
N LEU A 128 -18.93 8.14 -11.99
CA LEU A 128 -18.49 7.86 -10.63
C LEU A 128 -19.52 7.03 -9.89
N GLU A 129 -20.79 7.39 -10.06
CA GLU A 129 -21.89 6.69 -9.43
C GLU A 129 -22.10 5.33 -10.06
N LEU A 130 -21.61 5.17 -11.28
CA LEU A 130 -21.73 3.90 -11.98
C LEU A 130 -20.59 2.97 -11.60
N LEU A 131 -19.55 3.54 -10.99
CA LEU A 131 -18.42 2.78 -10.53
C LEU A 131 -18.75 2.37 -9.11
N ARG A 132 -19.25 3.32 -8.32
CA ARG A 132 -19.64 3.03 -6.94
C ARG A 132 -20.62 1.88 -6.88
N CYS A 133 -21.55 1.81 -7.84
CA CYS A 133 -22.47 0.68 -7.90
C CYS A 133 -21.76 -0.59 -8.36
N GLN A 134 -20.77 -0.47 -9.24
CA GLN A 134 -20.10 -1.65 -9.77
C GLN A 134 -19.14 -2.27 -8.77
N PHE A 135 -18.57 -1.47 -7.88
CA PHE A 135 -17.74 -2.03 -6.82
C PHE A 135 -18.56 -2.56 -5.66
N PHE A 136 -19.79 -2.07 -5.49
CA PHE A 136 -20.68 -2.56 -4.46
C PHE A 136 -21.50 -3.76 -4.90
N LEU A 137 -21.63 -3.97 -6.21
CA LEU A 137 -22.22 -5.20 -6.72
C LEU A 137 -21.23 -6.36 -6.75
N ALA A 138 -19.99 -6.12 -6.34
CA ALA A 138 -18.95 -7.13 -6.33
C ALA A 138 -18.60 -7.64 -4.95
N ILE A 139 -18.55 -6.75 -3.95
CA ILE A 139 -18.31 -7.20 -2.59
C ILE A 139 -19.56 -7.80 -1.96
N ASP A 140 -20.74 -7.55 -2.54
CA ASP A 140 -21.95 -8.18 -2.03
C ASP A 140 -22.03 -9.67 -2.31
N THR A 141 -21.27 -10.14 -3.30
CA THR A 141 -21.27 -11.54 -3.66
C THR A 141 -20.31 -12.34 -2.78
N LEU A 142 -19.69 -11.64 -1.82
CA LEU A 142 -18.77 -12.28 -0.89
C LEU A 142 -19.36 -12.20 0.50
N THR A 143 -20.06 -13.26 0.92
CA THR A 143 -20.69 -13.29 2.23
C THR A 143 -19.94 -14.17 3.23
N PRO A 144 -19.47 -13.56 4.32
CA PRO A 144 -18.73 -14.26 5.37
C PRO A 144 -19.53 -15.39 5.99
N LYS A 145 -19.48 -16.58 5.39
CA LYS A 145 -20.21 -17.74 5.90
C LYS A 145 -19.47 -18.45 7.02
N LYS A 146 -20.12 -18.61 8.15
CA LYS A 146 -19.46 -19.22 9.31
C LYS A 146 -18.74 -20.55 9.26
N GLN A 147 -17.49 -20.56 9.72
CA GLN A 147 -16.62 -21.74 9.74
C GLN A 147 -17.54 -22.80 10.36
N PHE A 181 -25.88 -17.02 -10.31
CA PHE A 181 -25.14 -15.78 -10.52
C PHE A 181 -26.09 -14.59 -10.59
N LYS A 182 -26.22 -13.88 -9.46
CA LYS A 182 -27.10 -12.72 -9.38
C LYS A 182 -26.59 -11.58 -10.25
N ASN A 183 -27.04 -11.55 -11.50
CA ASN A 183 -26.66 -10.50 -12.43
C ASN A 183 -27.82 -9.53 -12.66
N PRO A 184 -27.70 -8.33 -12.10
CA PRO A 184 -28.74 -7.29 -12.20
C PRO A 184 -28.84 -6.67 -13.59
N TYR A 185 -27.80 -6.81 -14.40
CA TYR A 185 -27.81 -6.22 -15.74
C TYR A 185 -28.27 -7.21 -16.80
N ARG A 186 -29.55 -7.12 -17.16
CA ARG A 186 -30.13 -8.01 -18.16
C ARG A 186 -30.01 -7.45 -19.58
N SER A 187 -28.82 -7.02 -19.95
CA SER A 187 -28.58 -6.46 -21.26
C SER A 187 -27.43 -7.12 -22.02
N TYR A 188 -26.59 -7.90 -21.36
CA TYR A 188 -25.48 -8.59 -22.00
C TYR A 188 -25.21 -9.88 -21.26
N ILE A 189 -24.58 -10.83 -21.97
CA ILE A 189 -24.21 -12.11 -21.39
C ILE A 189 -22.81 -11.97 -20.80
N SER A 190 -22.75 -11.76 -19.49
CA SER A 190 -21.46 -11.63 -18.81
C SER A 190 -20.71 -12.95 -18.84
N CYS A 191 -19.38 -12.86 -18.87
CA CYS A 191 -18.52 -14.05 -18.89
C CYS A 191 -18.19 -14.58 -17.49
N LEU A 192 -19.25 -14.90 -16.76
CA LEU A 192 -19.18 -15.55 -15.47
C LEU A 192 -20.36 -16.54 -15.39
N GLU A 193 -21.20 -16.51 -16.41
CA GLU A 193 -22.23 -17.53 -16.57
C GLU A 193 -21.57 -18.90 -16.92
N GLN A 194 -20.77 -18.87 -17.99
CA GLN A 194 -20.00 -20.01 -18.44
C GLN A 194 -18.52 -20.08 -18.14
N ARG A 195 -18.08 -19.54 -17.01
CA ARG A 195 -16.67 -19.56 -16.65
C ARG A 195 -16.52 -19.47 -15.14
N ASN A 196 -15.85 -20.45 -14.54
CA ASN A 196 -15.61 -20.49 -13.11
C ASN A 196 -14.14 -20.72 -12.78
N THR A 197 -13.23 -20.39 -13.69
CA THR A 197 -11.81 -20.64 -13.50
C THR A 197 -11.00 -19.69 -14.35
N ILE A 198 -10.16 -18.89 -13.72
CA ILE A 198 -9.33 -17.90 -14.42
C ILE A 198 -7.90 -18.44 -14.39
N LEU A 199 -7.51 -19.12 -15.46
CA LEU A 199 -6.14 -19.62 -15.65
C LEU A 199 -5.69 -20.55 -14.53
N GLY A 200 -6.62 -21.25 -13.89
CA GLY A 200 -6.28 -22.19 -12.84
C GLY A 200 -6.87 -21.81 -11.49
N ASN A 201 -6.82 -20.53 -11.15
CA ASN A 201 -7.47 -20.06 -9.94
C ASN A 201 -8.98 -20.04 -10.15
N ARG A 202 -9.72 -20.62 -9.20
CA ARG A 202 -11.15 -20.76 -9.40
C ARG A 202 -11.84 -19.42 -9.54
N LEU A 203 -11.87 -18.64 -8.46
CA LEU A 203 -12.48 -17.32 -8.43
C LEU A 203 -12.29 -16.73 -7.04
N LEU A 204 -12.82 -15.55 -6.79
CA LEU A 204 -12.69 -14.94 -5.48
C LEU A 204 -13.91 -15.19 -4.61
N ASN A 205 -15.10 -14.92 -5.16
CA ASN A 205 -16.33 -15.10 -4.42
C ASN A 205 -16.75 -16.58 -4.28
N LEU A 206 -16.20 -17.42 -5.14
CA LEU A 206 -16.50 -18.85 -5.09
C LEU A 206 -15.59 -19.52 -4.07
N LYS A 207 -14.36 -19.04 -3.98
CA LYS A 207 -13.39 -19.58 -3.04
C LYS A 207 -13.56 -19.02 -1.63
N LEU A 208 -14.21 -17.87 -1.48
CA LEU A 208 -14.44 -17.27 -0.17
C LEU A 208 -15.82 -17.58 0.39
N ASN A 209 -16.78 -17.97 -0.44
CA ASN A 209 -18.10 -18.35 0.03
C ASN A 209 -18.18 -19.83 0.40
N GLU A 210 -17.04 -20.48 0.58
CA GLU A 210 -17.00 -21.85 1.05
C GLU A 210 -17.16 -21.89 2.57
N PRO A 211 -17.47 -23.06 3.15
CA PRO A 211 -17.58 -23.15 4.61
C PRO A 211 -16.29 -22.78 5.32
N GLY A 212 -16.31 -21.66 6.05
CA GLY A 212 -15.17 -21.22 6.82
C GLY A 212 -13.93 -20.93 6.01
N GLU A 213 -14.08 -20.20 4.91
CA GLU A 213 -12.94 -19.85 4.06
C GLU A 213 -12.59 -18.38 4.10
N PHE A 214 -13.56 -17.49 4.35
CA PHE A 214 -13.25 -16.09 4.48
C PHE A 214 -12.40 -15.79 5.72
N ILE A 215 -12.48 -16.65 6.73
CA ILE A 215 -11.68 -16.46 7.93
C ILE A 215 -10.28 -17.06 7.81
N ASN A 216 -10.13 -18.16 7.08
CA ASN A 216 -8.79 -18.68 6.79
C ASN A 216 -8.00 -17.75 5.89
N MET A 217 -8.67 -17.00 5.01
CA MET A 217 -8.01 -16.02 4.16
C MET A 217 -7.45 -14.85 4.96
N ILE A 218 -8.02 -14.56 6.13
CA ILE A 218 -7.50 -13.51 7.00
C ILE A 218 -6.45 -14.06 7.96
N LEU A 219 -6.70 -15.23 8.54
CA LEU A 219 -5.76 -15.83 9.50
C LEU A 219 -4.58 -16.51 8.82
N TRP A 220 -4.58 -16.54 7.50
CA TRP A 220 -3.50 -17.17 6.76
C TRP A 220 -2.55 -16.13 6.19
N THR A 221 -2.94 -14.87 6.24
CA THR A 221 -2.08 -13.80 5.74
C THR A 221 -1.51 -13.00 6.90
N LEU A 222 -2.14 -13.11 8.05
CA LEU A 222 -1.70 -12.46 9.28
C LEU A 222 -0.54 -13.18 9.95
N SER A 223 -0.30 -14.44 9.58
CA SER A 223 0.80 -15.21 10.14
C SER A 223 1.98 -15.35 9.21
N ASN A 224 1.82 -15.07 7.92
CA ASN A 224 2.91 -15.06 6.96
C ASN A 224 3.42 -13.67 6.67
N SER A 225 2.84 -12.66 7.30
CA SER A 225 3.28 -11.28 7.12
C SER A 225 4.57 -10.98 7.87
N LEU A 226 4.96 -11.82 8.83
CA LEU A 226 6.23 -11.70 9.51
C LEU A 226 7.16 -12.88 9.22
N GLN A 227 6.76 -13.79 8.34
CA GLN A 227 7.52 -15.01 8.09
C GLN A 227 8.94 -14.69 7.65
N GLU A 228 9.88 -15.50 8.11
CA GLU A 228 11.27 -15.44 7.66
C GLU A 228 11.57 -16.51 6.62
N SER A 229 10.55 -17.00 5.94
CA SER A 229 10.68 -17.97 4.87
C SER A 229 10.27 -17.33 3.56
N THR A 230 10.81 -17.86 2.46
CA THR A 230 10.61 -17.17 1.18
C THR A 230 9.20 -17.34 0.61
N PRO A 231 8.65 -18.56 0.47
CA PRO A 231 7.35 -18.66 -0.19
C PRO A 231 6.21 -18.10 0.63
N LEU A 232 6.24 -18.36 1.92
CA LEU A 232 5.22 -17.92 2.84
C LEU A 232 5.13 -16.41 2.87
N PHE A 233 6.23 -15.74 3.22
CA PHE A 233 6.23 -14.29 3.27
C PHE A 233 5.85 -13.69 1.92
N LEU A 234 6.44 -14.22 0.85
CA LEU A 234 6.15 -13.75 -0.50
C LEU A 234 4.65 -13.77 -0.75
N SER A 235 4.04 -14.93 -0.58
CA SER A 235 2.61 -15.09 -0.81
C SER A 235 1.79 -14.07 -0.03
N SER A 236 2.28 -13.68 1.14
CA SER A 236 1.56 -12.72 1.95
C SER A 236 2.16 -11.32 1.81
N HIS A 237 2.83 -11.09 0.69
CA HIS A 237 3.44 -9.80 0.43
C HIS A 237 2.97 -9.30 -0.93
N GLU A 238 3.01 -10.18 -1.92
CA GLU A 238 2.61 -9.83 -3.27
C GLU A 238 1.19 -10.23 -3.61
N ILE A 239 0.52 -10.94 -2.70
CA ILE A 239 -0.84 -11.36 -2.99
C ILE A 239 -1.91 -10.91 -1.99
N TRP A 240 -1.97 -11.55 -0.83
CA TRP A 240 -3.00 -11.25 0.15
C TRP A 240 -2.85 -9.97 0.98
N MET A 241 -1.64 -9.50 1.19
CA MET A 241 -1.47 -8.27 1.97
C MET A 241 -2.04 -7.10 1.20
N PRO A 242 -1.74 -7.01 -0.10
CA PRO A 242 -2.25 -5.94 -0.97
C PRO A 242 -3.74 -6.09 -1.20
N LEU A 243 -4.19 -7.33 -1.43
CA LEU A 243 -5.60 -7.63 -1.67
C LEU A 243 -6.47 -7.42 -0.43
N LEU A 244 -5.94 -7.78 0.75
CA LEU A 244 -6.69 -7.63 1.99
C LEU A 244 -6.89 -6.17 2.39
N GLU A 245 -5.98 -5.30 1.96
CA GLU A 245 -6.10 -3.87 2.25
C GLU A 245 -7.10 -3.23 1.30
N ILE A 246 -7.31 -3.87 0.15
CA ILE A 246 -8.27 -3.40 -0.84
C ILE A 246 -9.67 -3.70 -0.31
N LEU A 247 -9.92 -4.99 -0.02
CA LEU A 247 -11.20 -5.43 0.51
C LEU A 247 -11.62 -4.60 1.71
N ILE A 248 -10.79 -4.59 2.75
CA ILE A 248 -11.05 -3.78 3.94
C ILE A 248 -11.35 -2.35 3.57
N ASP A 249 -10.73 -1.85 2.49
CA ASP A 249 -11.01 -0.50 2.03
C ASP A 249 -12.40 -0.38 1.39
N LEU A 250 -12.94 -1.48 0.88
CA LEU A 250 -14.26 -1.47 0.26
C LEU A 250 -15.37 -1.68 1.27
N PHE A 251 -15.19 -2.59 2.23
CA PHE A 251 -16.18 -2.77 3.29
C PHE A 251 -16.27 -1.53 4.16
N SER A 252 -15.20 -0.76 4.28
CA SER A 252 -15.20 0.43 5.11
C SER A 252 -15.85 1.63 4.44
N CYS A 253 -16.32 1.49 3.21
CA CYS A 253 -17.15 2.51 2.56
C CYS A 253 -18.53 2.00 2.18
N ARG A 254 -18.65 0.72 1.83
CA ARG A 254 -19.97 0.11 1.73
C ARG A 254 -20.74 0.25 3.04
N GLN A 255 -20.05 0.08 4.16
CA GLN A 255 -20.67 0.32 5.46
C GLN A 255 -21.09 1.78 5.60
N ASP A 256 -20.31 2.70 5.03
CA ASP A 256 -20.70 4.10 5.04
C ASP A 256 -21.89 4.34 4.13
N TYR A 257 -22.03 3.58 3.05
CA TYR A 257 -23.19 3.77 2.20
C TYR A 257 -24.42 3.27 2.95
N PHE A 258 -24.30 2.07 3.50
CA PHE A 258 -25.39 1.45 4.24
C PHE A 258 -25.83 2.24 5.46
N ILE A 259 -24.90 2.89 6.13
CA ILE A 259 -25.25 3.67 7.33
C ILE A 259 -25.81 5.05 6.99
N GLN A 260 -25.26 5.69 5.97
CA GLN A 260 -25.73 7.02 5.58
C GLN A 260 -27.02 6.96 4.77
N HIS A 261 -27.31 5.79 4.20
CA HIS A 261 -28.51 5.60 3.40
C HIS A 261 -29.37 4.48 3.97
N GLU A 262 -30.13 4.79 5.01
CA GLU A 262 -31.00 3.81 5.64
C GLU A 262 -32.35 4.43 6.01
N ALA A 263 -32.68 4.39 7.29
CA ALA A 263 -33.93 4.94 7.78
C ALA A 263 -33.64 6.04 8.79
N GLN A 264 -33.59 7.28 8.31
CA GLN A 264 -33.33 8.45 9.14
C GLN A 264 -34.33 8.59 10.30
N ASN A 265 -33.83 9.07 11.44
CA ASN A 265 -34.65 9.25 12.64
C ASN A 265 -35.44 8.02 13.06
N VAL A 266 -34.74 7.02 13.58
CA VAL A 266 -35.39 5.79 14.02
C VAL A 266 -35.06 5.53 15.49
N SER A 267 -35.87 4.70 16.14
CA SER A 267 -35.67 4.38 17.55
C SER A 267 -34.39 3.58 17.75
N LYS A 268 -33.76 3.76 18.91
CA LYS A 268 -32.52 3.06 19.24
C LYS A 268 -32.64 1.55 19.05
N SER A 269 -33.72 0.98 19.57
CA SER A 269 -33.96 -0.45 19.47
C SER A 269 -33.86 -0.96 18.02
N LEU A 270 -34.52 -0.24 17.10
CA LEU A 270 -34.47 -0.61 15.70
C LEU A 270 -33.13 -0.21 15.08
N PHE A 271 -32.65 0.97 15.44
CA PHE A 271 -31.38 1.47 14.93
C PHE A 271 -30.26 0.47 15.18
N VAL A 272 -30.17 -0.03 16.40
CA VAL A 272 -29.15 -1.00 16.78
C VAL A 272 -29.44 -2.41 16.28
N GLN A 273 -30.70 -2.66 15.90
CA GLN A 273 -31.08 -3.96 15.37
C GLN A 273 -30.65 -4.05 13.92
N ARG A 274 -30.58 -2.89 13.26
CA ARG A 274 -30.16 -2.84 11.87
C ARG A 274 -28.65 -2.96 11.78
N LEU A 275 -27.95 -2.28 12.69
CA LEU A 275 -26.49 -2.34 12.73
C LEU A 275 -25.87 -3.73 12.72
N SER A 276 -26.69 -4.74 12.96
CA SER A 276 -26.22 -6.12 12.93
C SER A 276 -26.45 -6.75 11.54
N GLU A 277 -27.08 -5.97 10.68
CA GLU A 277 -27.35 -6.40 9.32
C GLU A 277 -26.46 -5.61 8.35
N SER A 278 -25.70 -4.67 8.91
CA SER A 278 -24.80 -3.83 8.11
C SER A 278 -23.67 -4.63 7.46
N PRO A 279 -23.21 -4.22 6.27
CA PRO A 279 -22.13 -4.87 5.51
C PRO A 279 -20.96 -5.32 6.40
N LEU A 280 -20.40 -4.38 7.17
CA LEU A 280 -19.29 -4.68 8.06
C LEU A 280 -19.64 -5.76 9.07
N ALA A 281 -20.85 -5.67 9.62
CA ALA A 281 -21.32 -6.63 10.62
C ALA A 281 -21.34 -8.08 10.13
N VAL A 282 -21.64 -8.26 8.86
CA VAL A 282 -21.64 -9.59 8.27
C VAL A 282 -20.19 -10.04 8.02
N PHE A 283 -19.26 -9.08 8.09
CA PHE A 283 -17.85 -9.33 7.88
C PHE A 283 -17.19 -9.74 9.19
N PHE A 284 -17.73 -9.22 10.30
CA PHE A 284 -17.20 -9.54 11.62
C PHE A 284 -17.77 -10.87 12.08
N GLU A 285 -18.90 -11.27 11.49
CA GLU A 285 -19.56 -12.52 11.84
C GLU A 285 -18.68 -13.73 11.55
N SER A 286 -17.93 -13.68 10.45
CA SER A 286 -17.07 -14.78 10.06
C SER A 286 -16.15 -15.26 11.18
N LEU A 287 -15.92 -14.42 12.18
CA LEU A 287 -15.08 -14.82 13.30
C LEU A 287 -15.74 -15.99 14.04
N ASN A 288 -17.07 -15.98 14.04
CA ASN A 288 -17.88 -17.01 14.66
C ASN A 288 -17.53 -17.30 16.11
N THR A 289 -17.35 -16.26 16.91
CA THR A 289 -17.00 -16.48 18.32
C THR A 289 -17.95 -15.81 19.30
N ARG A 290 -18.29 -16.52 20.36
CA ARG A 290 -19.16 -16.01 21.40
C ARG A 290 -18.37 -15.02 22.24
N ASN A 291 -17.13 -15.39 22.56
CA ASN A 291 -16.26 -14.54 23.34
C ASN A 291 -15.35 -13.73 22.42
N PHE A 292 -15.91 -12.68 21.84
CA PHE A 292 -15.17 -11.81 20.93
C PHE A 292 -13.89 -11.32 21.57
N ALA A 293 -14.03 -10.64 22.69
CA ALA A 293 -12.92 -10.04 23.45
C ALA A 293 -11.60 -10.82 23.48
N ASN A 294 -11.69 -12.14 23.65
CA ASN A 294 -10.50 -12.97 23.69
C ASN A 294 -10.17 -13.57 22.34
N ARG A 295 -11.20 -13.81 21.53
CA ARG A 295 -11.01 -14.38 20.21
C ARG A 295 -10.38 -13.38 19.25
N PHE A 296 -11.02 -12.21 19.11
CA PHE A 296 -10.53 -11.17 18.22
C PHE A 296 -9.07 -10.84 18.49
N SER A 297 -8.78 -10.48 19.74
CA SER A 297 -7.43 -10.10 20.15
C SER A 297 -6.33 -11.10 19.83
N GLU A 298 -6.67 -12.39 19.87
CA GLU A 298 -5.70 -13.43 19.56
C GLU A 298 -5.70 -13.75 18.07
N TYR A 299 -6.71 -13.23 17.38
CA TYR A 299 -6.87 -13.44 15.95
C TYR A 299 -6.21 -12.29 15.20
N VAL A 300 -6.05 -11.15 15.84
CA VAL A 300 -5.41 -10.01 15.20
C VAL A 300 -3.89 -10.18 15.17
N PHE A 301 -3.29 -10.31 16.35
CA PHE A 301 -1.87 -10.64 16.44
C PHE A 301 -1.76 -12.17 16.41
N LEU A 302 -1.32 -12.72 15.27
CA LEU A 302 -1.25 -14.16 15.13
C LEU A 302 0.17 -14.72 15.07
N ASN A 303 1.17 -13.86 14.90
CA ASN A 303 2.55 -14.36 14.94
C ASN A 303 3.47 -13.39 15.67
N CYS A 304 2.91 -12.54 16.53
CA CYS A 304 3.71 -11.64 17.33
C CYS A 304 4.39 -12.42 18.46
N ASP A 305 5.19 -11.71 19.25
CA ASP A 305 5.94 -12.31 20.35
C ASP A 305 5.29 -12.07 21.71
N TYR A 306 3.95 -12.06 21.75
CA TYR A 306 3.26 -11.78 23.00
C TYR A 306 3.35 -12.99 23.94
N LYS A 307 2.67 -12.88 25.08
CA LYS A 307 2.81 -13.87 26.15
C LYS A 307 2.30 -15.26 25.75
N LEU A 308 1.37 -15.34 24.79
CA LEU A 308 0.76 -16.59 24.37
C LEU A 308 0.15 -17.33 25.56
N PRO A 309 -0.93 -16.79 26.16
CA PRO A 309 -1.53 -17.48 27.31
C PRO A 309 -2.43 -18.63 26.93
N SER A 310 -2.92 -18.69 25.70
CA SER A 310 -3.82 -19.74 25.24
C SER A 310 -3.05 -20.71 24.37
N ASP A 311 -2.84 -21.93 24.87
CA ASP A 311 -2.17 -22.94 24.08
C ASP A 311 -3.01 -23.35 22.88
N ASN A 312 -4.34 -23.31 23.00
CA ASN A 312 -5.24 -23.64 21.90
C ASN A 312 -5.26 -22.46 20.94
N TYR A 313 -4.22 -22.38 20.11
CA TYR A 313 -4.11 -21.32 19.13
C TYR A 313 -4.82 -21.72 17.84
N ALA A 314 -4.66 -20.92 16.79
CA ALA A 314 -5.29 -21.22 15.52
C ALA A 314 -4.66 -22.47 14.90
N THR A 315 -5.52 -23.30 14.29
CA THR A 315 -5.04 -24.47 13.59
C THR A 315 -4.08 -24.06 12.48
N PRO A 316 -3.09 -24.91 12.16
CA PRO A 316 -2.18 -24.58 11.05
C PRO A 316 -2.94 -24.24 9.78
N VAL A 317 -2.84 -22.98 9.37
CA VAL A 317 -3.69 -22.46 8.31
C VAL A 317 -3.20 -22.99 6.96
N HIS A 318 -4.14 -23.38 6.12
CA HIS A 318 -3.81 -23.88 4.80
C HIS A 318 -3.92 -22.76 3.76
N PRO A 319 -3.10 -22.79 2.72
CA PRO A 319 -3.15 -21.76 1.69
C PRO A 319 -4.51 -21.76 0.99
N VAL A 320 -4.86 -20.59 0.44
CA VAL A 320 -6.14 -20.47 -0.24
C VAL A 320 -6.11 -21.18 -1.58
N TYR A 321 -5.01 -21.06 -2.31
CA TYR A 321 -4.86 -21.67 -3.62
C TYR A 321 -3.73 -22.69 -3.60
N ASN A 322 -3.93 -23.79 -4.32
CA ASN A 322 -2.94 -24.86 -4.36
C ASN A 322 -1.65 -24.37 -4.97
N GLY A 323 -0.56 -24.51 -4.22
CA GLY A 323 0.75 -24.06 -4.67
C GLY A 323 1.14 -22.67 -4.22
N GLU A 324 0.30 -22.01 -3.42
CA GLU A 324 0.62 -20.66 -2.97
C GLU A 324 1.84 -20.65 -2.07
N ASN A 325 2.01 -21.68 -1.24
CA ASN A 325 3.13 -21.77 -0.32
C ASN A 325 4.36 -22.43 -0.94
N THR A 326 4.44 -22.47 -2.27
CA THR A 326 5.56 -23.08 -2.97
C THR A 326 6.16 -22.06 -3.93
N ILE A 327 7.49 -22.02 -4.01
CA ILE A 327 8.21 -21.14 -4.91
C ILE A 327 8.59 -21.92 -6.16
N VAL A 328 8.44 -21.28 -7.32
CA VAL A 328 8.81 -21.92 -8.58
C VAL A 328 10.31 -21.78 -8.79
N ASP A 329 10.90 -22.78 -9.45
CA ASP A 329 12.36 -22.82 -9.60
C ASP A 329 12.87 -21.70 -10.49
N THR A 330 12.07 -21.25 -11.47
CA THR A 330 12.57 -20.28 -12.43
C THR A 330 12.60 -18.87 -11.84
N TYR A 331 11.60 -18.52 -11.04
CA TYR A 331 11.54 -17.17 -10.48
C TYR A 331 12.59 -16.99 -9.39
N ILE A 332 13.30 -15.87 -9.45
CA ILE A 332 14.32 -15.51 -8.47
C ILE A 332 13.98 -14.14 -7.88
N PRO A 333 13.61 -14.07 -6.61
CA PRO A 333 13.32 -12.76 -6.00
C PRO A 333 14.55 -11.88 -5.92
N THR A 334 14.32 -10.57 -5.87
CA THR A 334 15.39 -9.60 -5.90
C THR A 334 15.35 -8.56 -4.79
N ILE A 335 14.31 -8.53 -3.96
CA ILE A 335 14.20 -7.53 -2.90
C ILE A 335 14.73 -8.13 -1.61
N LYS A 336 15.50 -7.34 -0.87
CA LYS A 336 16.03 -7.75 0.43
C LYS A 336 15.23 -7.01 1.49
N CYS A 337 14.21 -7.67 2.02
CA CYS A 337 13.31 -7.08 3.01
C CYS A 337 13.87 -7.33 4.41
N SER A 338 14.35 -6.28 5.04
CA SER A 338 14.83 -6.40 6.41
C SER A 338 13.68 -6.75 7.35
N PRO A 339 13.98 -7.42 8.47
CA PRO A 339 12.91 -7.76 9.41
C PRO A 339 12.14 -6.55 9.92
N LEU A 340 12.79 -5.39 9.99
CA LEU A 340 12.08 -4.17 10.34
C LEU A 340 11.01 -3.83 9.31
N TYR A 341 11.32 -4.04 8.03
CA TYR A 341 10.34 -3.78 6.98
C TYR A 341 9.14 -4.71 7.10
N LYS A 342 9.40 -6.00 7.33
CA LYS A 342 8.31 -6.95 7.49
C LYS A 342 7.45 -6.61 8.71
N SER A 343 8.10 -6.23 9.81
CA SER A 343 7.34 -5.85 10.99
C SER A 343 6.51 -4.60 10.73
N GLN A 344 7.06 -3.63 10.01
CA GLN A 344 6.32 -2.42 9.68
C GLN A 344 5.08 -2.74 8.86
N LYS A 345 5.24 -3.52 7.79
CA LYS A 345 4.09 -3.86 6.95
C LYS A 345 3.06 -4.67 7.72
N SER A 346 3.52 -5.67 8.48
CA SER A 346 2.62 -6.51 9.25
C SER A 346 1.80 -5.70 10.24
N LEU A 347 2.47 -4.84 11.01
CA LEU A 347 1.76 -4.06 12.02
C LEU A 347 0.88 -2.99 11.38
N ALA A 348 1.24 -2.51 10.19
CA ALA A 348 0.33 -1.64 9.46
C ALA A 348 -0.95 -2.35 9.11
N LEU A 349 -0.85 -3.57 8.57
CA LEU A 349 -2.06 -4.32 8.23
C LEU A 349 -2.88 -4.64 9.47
N ARG A 350 -2.22 -5.02 10.57
CA ARG A 350 -2.95 -5.35 11.80
C ARG A 350 -3.65 -4.13 12.37
N ARG A 351 -2.98 -2.97 12.35
CA ARG A 351 -3.61 -1.73 12.82
C ARG A 351 -4.78 -1.35 11.93
N LYS A 352 -4.67 -1.61 10.62
CA LYS A 352 -5.78 -1.36 9.72
C LYS A 352 -6.98 -2.24 10.07
N LEU A 353 -6.73 -3.52 10.35
CA LEU A 353 -7.80 -4.42 10.76
C LEU A 353 -8.46 -3.94 12.06
N ILE A 354 -7.64 -3.51 13.02
CA ILE A 354 -8.18 -3.04 14.29
C ILE A 354 -9.04 -1.79 14.08
N GLY A 355 -8.60 -0.89 13.21
CA GLY A 355 -9.40 0.29 12.92
C GLY A 355 -10.71 -0.04 12.22
N SER A 356 -10.65 -1.01 11.31
CA SER A 356 -11.83 -1.44 10.57
C SER A 356 -12.77 -2.06 11.57
N CYS A 357 -12.24 -2.65 12.62
CA CYS A 357 -13.10 -3.18 13.68
C CYS A 357 -13.82 -2.04 14.38
N PHE A 358 -13.01 -1.19 15.03
CA PHE A 358 -13.52 -0.01 15.69
C PHE A 358 -14.43 0.90 14.89
N LYS A 359 -14.55 0.61 13.59
CA LYS A 359 -15.41 1.41 12.71
C LYS A 359 -16.88 1.35 13.14
N LEU A 360 -17.40 0.14 13.31
CA LEU A 360 -18.79 -0.04 13.70
C LEU A 360 -19.00 -0.25 15.20
N LEU A 361 -17.94 -0.56 15.91
CA LEU A 361 -18.03 -0.79 17.36
C LEU A 361 -18.25 0.45 18.21
N LEU A 362 -17.89 1.62 17.67
CA LEU A 362 -18.09 2.88 18.39
C LEU A 362 -19.28 3.62 17.77
N ARG A 363 -20.12 2.87 17.06
CA ARG A 363 -21.31 3.42 16.42
C ARG A 363 -22.48 3.08 17.34
N VAL A 364 -22.43 1.88 17.92
CA VAL A 364 -23.47 1.41 18.85
C VAL A 364 -23.67 2.45 19.95
N PRO A 365 -24.87 2.99 20.13
CA PRO A 365 -25.08 4.04 21.13
C PRO A 365 -24.97 3.52 22.56
N ASP A 366 -25.19 4.40 23.53
CA ASP A 366 -25.10 4.03 24.94
C ASP A 366 -26.16 3.01 25.35
N GLY A 367 -27.06 2.64 24.45
CA GLY A 367 -28.09 1.65 24.74
C GLY A 367 -27.56 0.23 24.67
N HIS A 368 -28.41 -0.67 24.18
CA HIS A 368 -28.04 -2.08 24.12
C HIS A 368 -26.93 -2.32 23.10
N ARG A 369 -26.21 -3.40 23.30
CA ARG A 369 -25.16 -3.80 22.38
C ARG A 369 -25.77 -4.56 21.19
N LEU A 370 -24.96 -4.68 20.13
CA LEU A 370 -25.41 -5.39 18.94
C LEU A 370 -25.64 -6.86 19.24
N ILE A 371 -26.54 -7.47 18.47
CA ILE A 371 -26.91 -8.87 18.68
C ILE A 371 -26.18 -9.82 17.74
N THR A 372 -25.79 -9.37 16.56
CA THR A 372 -25.19 -10.25 15.56
C THR A 372 -23.76 -10.64 15.93
N PRO A 373 -22.83 -9.68 16.11
CA PRO A 373 -21.45 -10.09 16.37
C PRO A 373 -21.18 -10.46 17.83
N ARG A 374 -22.09 -10.12 18.74
CA ARG A 374 -21.90 -10.36 20.18
C ARG A 374 -20.63 -9.69 20.68
N ILE A 375 -20.44 -8.43 20.27
CA ILE A 375 -19.27 -7.64 20.64
C ILE A 375 -19.65 -6.67 21.76
N VAL A 376 -18.76 -6.52 22.73
CA VAL A 376 -19.07 -5.69 23.88
C VAL A 376 -18.76 -4.22 23.60
N ALA A 377 -17.68 -3.96 22.86
CA ALA A 377 -17.22 -2.64 22.42
C ALA A 377 -16.69 -1.77 23.57
N ASP A 378 -16.59 -2.30 24.78
CA ASP A 378 -16.01 -1.55 25.90
C ASP A 378 -14.84 -2.25 26.57
N ASP A 379 -14.80 -3.58 26.53
CA ASP A 379 -13.69 -4.34 27.09
C ASP A 379 -12.86 -5.07 26.04
N VAL A 380 -13.25 -4.97 24.77
CA VAL A 380 -12.39 -5.48 23.71
C VAL A 380 -11.14 -4.62 23.57
N ILE A 381 -11.19 -3.37 24.04
CA ILE A 381 -9.99 -2.56 24.13
C ILE A 381 -9.03 -3.16 25.15
N GLN A 382 -9.57 -3.64 26.27
CA GLN A 382 -8.73 -4.26 27.29
C GLN A 382 -8.02 -5.49 26.74
N GLY A 383 -8.71 -6.29 25.92
CA GLY A 383 -8.09 -7.49 25.38
C GLY A 383 -6.95 -7.18 24.43
N ILE A 384 -7.10 -6.15 23.60
CA ILE A 384 -6.04 -5.79 22.67
C ILE A 384 -4.91 -5.08 23.41
N SER A 385 -5.24 -4.16 24.31
CA SER A 385 -4.21 -3.49 25.10
C SER A 385 -3.52 -4.43 26.08
N ARG A 386 -4.08 -5.62 26.30
CA ARG A 386 -3.39 -6.62 27.11
C ARG A 386 -2.32 -7.33 26.28
N THR A 387 -2.63 -7.64 25.03
CA THR A 387 -1.66 -8.28 24.15
C THR A 387 -0.54 -7.34 23.75
N LEU A 388 -0.74 -6.03 23.84
CA LEU A 388 0.33 -5.09 23.54
C LEU A 388 1.28 -4.94 24.72
N ALA A 389 0.75 -4.75 25.92
CA ALA A 389 1.60 -4.63 27.10
C ALA A 389 2.36 -5.92 27.37
N SER A 390 1.69 -7.06 27.24
CA SER A 390 2.33 -8.35 27.49
C SER A 390 3.11 -8.81 26.28
N PHE A 391 3.97 -7.95 25.75
CA PHE A 391 4.78 -8.29 24.59
C PHE A 391 6.16 -8.76 25.04
N ASN A 392 7.02 -9.06 24.07
CA ASN A 392 8.39 -9.43 24.36
C ASN A 392 9.39 -8.79 23.42
N ASP A 393 8.95 -8.00 22.45
CA ASP A 393 9.83 -7.32 21.51
C ASP A 393 9.57 -5.82 21.58
N ILE A 394 10.64 -5.03 21.64
CA ILE A 394 10.49 -3.59 21.69
C ILE A 394 10.39 -2.99 20.29
N LEU A 395 10.97 -3.64 19.28
CA LEU A 395 10.85 -3.16 17.91
C LEU A 395 9.40 -3.24 17.43
N GLN A 396 8.75 -4.40 17.62
CA GLN A 396 7.37 -4.54 17.20
C GLN A 396 6.43 -3.66 18.02
N PHE A 397 6.82 -3.32 19.25
CA PHE A 397 5.97 -2.47 20.06
C PHE A 397 6.01 -1.02 19.59
N LYS A 398 7.14 -0.59 19.02
CA LYS A 398 7.20 0.75 18.44
C LYS A 398 6.42 0.81 17.14
N LYS A 399 6.68 -0.14 16.23
CA LYS A 399 6.08 -0.09 14.90
C LYS A 399 4.56 -0.13 14.93
N PHE A 400 3.96 -0.54 16.05
CA PHE A 400 2.50 -0.49 16.15
C PHE A 400 2.01 0.94 16.37
N PHE A 401 2.61 1.65 17.32
CA PHE A 401 2.22 3.02 17.61
C PHE A 401 2.93 4.06 16.75
N MET A 402 4.10 3.73 16.21
CA MET A 402 4.82 4.63 15.31
C MET A 402 4.15 4.58 13.94
N THR A 403 2.96 5.19 13.88
CA THR A 403 2.15 5.17 12.68
C THR A 403 2.54 6.31 11.74
N GLU A 404 2.37 6.07 10.44
CA GLU A 404 2.68 7.09 9.45
C GLU A 404 1.53 8.10 9.33
N ASN A 405 0.29 7.63 9.43
CA ASN A 405 -0.89 8.49 9.33
C ASN A 405 -1.41 8.76 10.74
N LEU A 406 -0.89 9.82 11.35
CA LEU A 406 -1.33 10.21 12.68
C LEU A 406 -2.73 10.81 12.68
N SER A 407 -3.36 10.93 11.53
CA SER A 407 -4.70 11.48 11.43
C SER A 407 -5.71 10.50 10.85
N GLN A 408 -5.29 9.68 9.87
CA GLN A 408 -6.21 8.73 9.27
C GLN A 408 -6.63 7.66 10.27
N GLU A 409 -5.74 7.27 11.18
CA GLU A 409 -6.05 6.31 12.22
C GLU A 409 -5.97 7.04 13.57
N SER A 410 -7.04 7.74 13.90
CA SER A 410 -7.22 8.37 15.19
C SER A 410 -8.24 7.56 15.97
N TYR A 411 -8.71 8.11 17.09
CA TYR A 411 -9.93 7.69 17.79
C TYR A 411 -9.85 6.28 18.35
N PHE A 412 -8.78 5.55 18.04
CA PHE A 412 -8.55 4.25 18.65
C PHE A 412 -7.10 3.99 19.02
N ILE A 413 -6.15 4.76 18.52
CA ILE A 413 -4.75 4.64 18.94
C ILE A 413 -4.57 5.30 20.29
N PRO A 414 -5.08 6.52 20.54
CA PRO A 414 -5.00 7.06 21.90
C PRO A 414 -5.78 6.24 22.92
N LEU A 415 -6.84 5.57 22.49
CA LEU A 415 -7.56 4.67 23.39
C LEU A 415 -6.80 3.37 23.62
N LEU A 416 -5.92 3.02 22.68
CA LEU A 416 -5.11 1.83 22.81
C LEU A 416 -3.75 2.20 23.40
N ALA A 417 -3.44 3.49 23.41
CA ALA A 417 -2.19 4.00 23.96
C ALA A 417 -2.40 4.19 25.45
N GLU A 418 -3.60 4.60 25.83
CA GLU A 418 -3.94 4.78 27.24
C GLU A 418 -4.33 3.46 27.91
N GLY A 419 -4.63 2.46 27.08
CA GLY A 419 -4.98 1.14 27.57
C GLY A 419 -3.80 0.27 27.92
N THR A 420 -2.66 0.55 27.30
CA THR A 420 -1.44 -0.20 27.55
C THR A 420 -0.66 0.49 28.66
N LEU A 421 -0.90 1.78 28.83
CA LEU A 421 -0.23 2.54 29.87
C LEU A 421 -0.92 2.32 31.21
N SER A 422 -2.18 1.90 31.15
CA SER A 422 -2.95 1.62 32.36
C SER A 422 -3.04 0.13 32.58
N GLU A 423 -2.04 -0.60 32.09
CA GLU A 423 -2.00 -2.05 32.25
C GLU A 423 -0.60 -2.50 32.65
N ILE A 424 0.40 -1.70 32.32
CA ILE A 424 1.76 -2.01 32.68
C ILE A 424 1.98 -1.51 34.11
N LEU A 425 1.35 -0.40 34.44
CA LEU A 425 1.44 0.17 35.78
C LEU A 425 0.72 -0.74 36.76
N LYS A 426 -0.41 -1.28 36.33
CA LYS A 426 -1.21 -2.17 37.15
C LYS A 426 -0.41 -3.41 37.56
N ASP A 427 0.36 -3.96 36.62
CA ASP A 427 1.14 -5.15 36.88
C ASP A 427 2.62 -4.90 37.18
N THR A 428 3.02 -3.64 37.30
CA THR A 428 4.40 -3.30 37.60
C THR A 428 4.56 -1.90 38.17
N GLN A 429 4.12 -1.71 39.41
CA GLN A 429 4.21 -0.42 40.09
C GLN A 429 3.69 0.73 39.25
N VAL A 433 -4.47 3.29 39.02
CA VAL A 433 -4.73 4.72 39.08
C VAL A 433 -5.86 4.92 38.08
N ILE A 434 -6.56 6.04 38.20
CA ILE A 434 -7.62 6.37 37.26
C ILE A 434 -7.08 7.49 36.36
N LEU A 435 -6.53 7.08 35.22
CA LEU A 435 -5.91 8.02 34.30
C LEU A 435 -7.04 8.69 33.51
N THR A 436 -6.74 9.80 32.87
CA THR A 436 -7.74 10.54 32.10
C THR A 436 -7.12 11.19 30.87
N LEU A 437 -5.97 10.66 30.46
CA LEU A 437 -5.25 11.19 29.30
C LEU A 437 -6.15 11.29 28.07
N VAL A 438 -6.85 10.20 27.75
CA VAL A 438 -7.72 10.17 26.58
C VAL A 438 -8.88 11.16 26.70
N GLU A 439 -9.23 11.51 27.94
CA GLU A 439 -10.33 12.44 28.17
C GLU A 439 -9.81 13.88 28.21
N ASN A 440 -8.50 14.02 28.35
CA ASN A 440 -7.89 15.34 28.40
C ASN A 440 -7.27 15.75 27.07
N LEU A 441 -7.75 15.12 26.00
CA LEU A 441 -7.26 15.43 24.66
C LEU A 441 -7.99 16.64 24.11
N SER A 442 -8.52 17.46 25.01
CA SER A 442 -9.24 18.67 24.62
C SER A 442 -8.91 19.79 25.61
N ASP A 443 -7.79 19.65 26.30
CA ASP A 443 -7.34 20.62 27.28
C ASP A 443 -5.83 20.50 27.48
N GLY A 444 -5.09 21.52 27.02
CA GLY A 444 -3.65 21.53 27.12
C GLY A 444 -3.13 21.50 28.54
N VAL A 445 -3.84 22.15 29.45
CA VAL A 445 -3.43 22.19 30.85
C VAL A 445 -3.71 20.88 31.58
N SER A 446 -4.99 20.47 31.54
CA SER A 446 -5.46 19.25 32.20
C SER A 446 -4.57 18.02 32.06
N PHE A 447 -4.22 17.67 30.83
CA PHE A 447 -3.35 16.52 30.59
C PHE A 447 -1.93 16.80 31.06
N CYS A 448 -1.52 18.05 30.94
CA CYS A 448 -0.18 18.48 31.35
C CYS A 448 -0.12 18.49 32.87
N ASN A 449 -1.25 18.80 33.50
CA ASN A 449 -1.33 18.91 34.96
C ASN A 449 -1.51 17.58 35.68
N GLU A 450 -1.62 16.49 34.92
CA GLU A 450 -1.82 15.18 35.53
C GLU A 450 -0.66 14.22 35.29
N VAL A 451 0.23 14.57 34.38
CA VAL A 451 1.37 13.73 34.08
C VAL A 451 2.42 13.81 35.18
N ILE A 452 2.45 14.94 35.89
CA ILE A 452 3.41 15.12 36.98
C ILE A 452 3.17 14.07 38.05
N GLY A 453 1.90 13.88 38.41
CA GLY A 453 1.50 12.93 39.42
C GLY A 453 2.11 11.55 39.22
N LEU A 454 2.06 11.06 37.99
CA LEU A 454 2.62 9.75 37.68
C LEU A 454 4.12 9.69 37.95
N VAL A 455 4.89 10.49 37.21
CA VAL A 455 6.34 10.53 37.38
C VAL A 455 6.72 10.82 38.83
N LYS A 456 5.82 11.50 39.53
CA LYS A 456 6.04 11.86 40.94
C LYS A 456 5.65 10.74 41.89
N SER A 457 5.01 9.71 41.36
CA SER A 457 4.59 8.56 42.16
C SER A 457 5.37 7.33 41.73
N LYS A 458 6.62 7.54 41.35
CA LYS A 458 7.51 6.46 40.90
C LYS A 458 6.85 5.56 39.86
N CYS A 459 6.30 6.18 38.82
CA CYS A 459 5.64 5.42 37.76
C CYS A 459 6.65 4.88 36.76
N PHE A 460 7.37 5.78 36.10
CA PHE A 460 8.34 5.38 35.08
C PHE A 460 9.74 5.13 35.63
N ALA A 461 9.90 5.27 36.95
CA ALA A 461 11.19 5.04 37.59
C ALA A 461 11.33 3.60 38.04
N PHE A 462 12.54 3.06 37.94
CA PHE A 462 12.81 1.68 38.34
C PHE A 462 12.56 1.43 39.83
N THR A 463 12.19 0.19 40.14
CA THR A 463 11.92 -0.19 41.52
C THR A 463 13.14 -0.85 42.16
N GLU A 464 13.05 -1.14 43.45
CA GLU A 464 14.14 -1.76 44.18
C GLU A 464 13.81 -3.20 44.56
N GLN A 465 12.62 -3.65 44.17
CA GLN A 465 12.18 -5.00 44.47
C GLN A 465 12.96 -6.05 43.66
N CYS A 466 13.39 -5.65 42.47
CA CYS A 466 14.17 -6.54 41.60
C CYS A 466 15.65 -6.28 41.78
N SER A 467 16.47 -7.11 41.15
CA SER A 467 17.92 -6.97 41.24
C SER A 467 18.51 -6.68 39.87
N GLN A 468 19.78 -7.04 39.70
CA GLN A 468 20.46 -6.85 38.43
C GLN A 468 20.32 -8.09 37.56
N ALA A 469 19.70 -9.13 38.11
CA ALA A 469 19.50 -10.38 37.38
C ALA A 469 18.42 -10.17 36.32
N SER A 470 17.25 -9.71 36.75
CA SER A 470 16.15 -9.44 35.84
C SER A 470 16.08 -7.97 35.52
N TYR A 471 17.21 -7.41 35.10
CA TYR A 471 17.29 -6.00 34.76
C TYR A 471 16.61 -5.73 33.43
N GLU A 472 16.77 -6.66 32.50
CA GLU A 472 16.16 -6.53 31.18
C GLU A 472 14.66 -6.36 31.30
N GLU A 473 13.99 -7.38 31.83
CA GLU A 473 12.54 -7.33 32.01
C GLU A 473 12.14 -6.09 32.82
N ALA A 474 13.05 -5.61 33.66
CA ALA A 474 12.81 -4.43 34.47
C ALA A 474 13.08 -3.17 33.65
N VAL A 475 13.82 -3.32 32.56
CA VAL A 475 14.15 -2.21 31.68
C VAL A 475 13.15 -2.14 30.55
N LEU A 476 12.75 -3.30 30.04
CA LEU A 476 11.79 -3.37 28.95
C LEU A 476 10.45 -2.77 29.37
N ASN A 477 10.03 -3.08 30.60
CA ASN A 477 8.76 -2.57 31.11
C ASN A 477 8.72 -1.05 31.20
N ILE A 478 9.86 -0.44 31.51
CA ILE A 478 9.90 1.02 31.57
C ILE A 478 10.20 1.59 30.19
N GLU A 479 10.65 0.73 29.28
CA GLU A 479 10.93 1.12 27.90
C GLU A 479 9.63 1.08 27.11
N LYS A 480 8.71 0.24 27.55
CA LYS A 480 7.41 0.10 26.90
C LYS A 480 6.54 1.28 27.28
N CYS A 481 6.78 1.83 28.46
CA CYS A 481 6.02 2.97 28.95
C CYS A 481 6.50 4.25 28.28
N ASP A 482 7.73 4.25 27.82
CA ASP A 482 8.29 5.40 27.13
C ASP A 482 7.52 5.56 25.84
N VAL A 483 7.39 4.47 25.11
CA VAL A 483 6.70 4.45 23.82
C VAL A 483 5.23 4.85 23.92
N CYS A 484 4.57 4.49 25.02
CA CYS A 484 3.16 4.79 25.22
C CYS A 484 2.89 6.23 25.64
N LEU A 485 3.80 6.82 26.42
CA LEU A 485 3.61 8.20 26.86
C LEU A 485 3.88 9.17 25.72
N LEU A 486 4.94 8.89 24.95
CA LEU A 486 5.30 9.74 23.82
C LEU A 486 4.12 9.85 22.87
N VAL A 487 3.53 8.71 22.52
CA VAL A 487 2.39 8.68 21.62
C VAL A 487 1.24 9.54 22.13
N LEU A 488 0.94 9.44 23.43
CA LEU A 488 -0.12 10.21 24.04
C LEU A 488 0.19 11.70 24.03
N LEU A 489 1.46 12.04 24.21
CA LEU A 489 1.89 13.42 24.20
C LEU A 489 1.97 13.96 22.78
N ARG A 490 2.37 13.09 21.84
CA ARG A 490 2.48 13.48 20.44
C ARG A 490 1.11 13.84 19.86
N TYR A 491 0.10 13.09 20.28
CA TYR A 491 -1.26 13.33 19.83
C TYR A 491 -1.76 14.62 20.44
N LEU A 492 -1.37 14.87 21.69
CA LEU A 492 -1.78 16.07 22.39
C LEU A 492 -1.42 17.32 21.60
N LEU A 493 -0.13 17.52 21.37
CA LEU A 493 0.36 18.68 20.63
C LEU A 493 -0.34 18.82 19.28
N HIS A 494 -0.35 17.72 18.52
CA HIS A 494 -0.97 17.69 17.19
C HIS A 494 -2.46 18.04 17.20
N LEU A 495 -3.18 17.62 18.25
CA LEU A 495 -4.60 17.90 18.37
C LEU A 495 -4.87 19.18 19.15
N ILE A 496 -3.80 19.90 19.50
CA ILE A 496 -3.94 21.15 20.24
C ILE A 496 -3.10 22.26 19.62
N GLY A 497 -2.42 21.96 18.53
CA GLY A 497 -1.59 22.92 17.85
C GLY A 497 -0.16 22.94 18.37
N ALA A 504 3.02 27.55 28.42
CA ALA A 504 3.62 28.36 29.47
C ALA A 504 4.49 27.53 30.41
N LYS A 505 4.26 27.68 31.70
CA LYS A 505 5.01 26.93 32.71
C LYS A 505 4.44 25.53 32.92
N GLU A 506 3.22 25.32 32.43
CA GLU A 506 2.55 24.04 32.56
C GLU A 506 3.43 22.91 32.05
N GLN A 507 3.97 23.08 30.85
CA GLN A 507 4.84 22.07 30.26
C GLN A 507 6.21 22.17 30.90
N LEU A 508 6.60 23.40 31.27
CA LEU A 508 7.88 23.65 31.91
C LEU A 508 8.01 22.77 33.15
N GLU A 509 7.04 22.90 34.05
CA GLU A 509 7.03 22.12 35.28
C GLU A 509 7.13 20.63 34.96
N MET A 510 6.29 20.18 34.04
CA MET A 510 6.28 18.78 33.62
C MET A 510 7.63 18.38 33.04
N LEU A 511 8.22 19.26 32.23
CA LEU A 511 9.52 18.99 31.61
C LEU A 511 10.59 18.73 32.66
N HIS A 512 10.73 19.64 33.62
CA HIS A 512 11.72 19.51 34.67
C HIS A 512 11.60 18.18 35.41
N ALA A 513 10.36 17.84 35.79
CA ALA A 513 10.09 16.60 36.50
C ALA A 513 10.64 15.42 35.73
N ILE A 514 10.32 15.35 34.44
CA ILE A 514 10.78 14.25 33.60
C ILE A 514 12.30 14.17 33.56
N GLU A 515 12.96 15.32 33.47
CA GLU A 515 14.41 15.37 33.43
C GLU A 515 15.07 15.02 34.77
N LYS A 516 14.38 15.33 35.85
CA LYS A 516 14.89 15.05 37.19
C LYS A 516 14.68 13.59 37.59
N ASN A 517 13.80 12.91 36.87
CA ASN A 517 13.50 11.50 37.13
C ASN A 517 14.54 10.62 36.48
N ASP A 518 15.33 11.19 35.58
CA ASP A 518 16.37 10.44 34.87
C ASP A 518 17.52 10.07 35.81
N SER A 519 17.76 10.91 36.81
CA SER A 519 18.83 10.70 37.78
C SER A 519 18.78 9.29 38.38
N GLY A 520 17.60 8.86 38.81
CA GLY A 520 17.43 7.54 39.39
C GLY A 520 17.93 6.47 38.44
N ARG A 521 17.54 6.58 37.18
CA ARG A 521 17.96 5.62 36.17
C ARG A 521 19.48 5.68 35.99
N ARG A 522 20.00 6.90 35.84
CA ARG A 522 21.42 7.11 35.66
C ARG A 522 22.21 6.44 36.78
N GLN A 523 21.78 6.70 38.01
CA GLN A 523 22.43 6.14 39.19
C GLN A 523 22.15 4.64 39.19
N TRP A 524 20.94 4.27 38.80
CA TRP A 524 20.54 2.87 38.74
C TRP A 524 21.43 2.11 37.77
N ALA A 525 22.17 2.83 36.95
CA ALA A 525 23.07 2.22 35.98
C ALA A 525 24.39 1.95 36.70
N LYS A 526 24.67 2.76 37.71
CA LYS A 526 25.88 2.64 38.51
C LYS A 526 25.65 1.70 39.69
N ALA A 527 24.40 1.61 40.13
CA ALA A 527 24.05 0.74 41.25
C ALA A 527 24.10 -0.72 40.84
N LEU A 528 23.92 -0.98 39.55
CA LEU A 528 23.98 -2.33 39.01
C LEU A 528 25.22 -2.47 38.14
N ASN A 529 26.16 -1.54 38.31
CA ASN A 529 27.41 -1.53 37.55
C ASN A 529 27.27 -1.79 36.06
N LEU A 530 26.61 -0.86 35.36
CA LEU A 530 26.40 -0.99 33.93
C LEU A 530 27.52 -0.31 33.14
N GLY A 531 27.80 -0.83 31.95
CA GLY A 531 28.82 -0.27 31.10
C GLY A 531 28.28 0.94 30.37
N ASN A 532 26.96 0.96 30.21
CA ASN A 532 26.28 2.07 29.54
C ASN A 532 25.10 2.56 30.37
N ASP A 533 24.39 3.57 29.85
CA ASP A 533 23.24 4.12 30.56
C ASP A 533 21.93 3.37 30.32
N PRO A 534 20.85 3.85 30.95
CA PRO A 534 19.51 3.28 30.85
C PRO A 534 18.68 4.03 29.82
N PRO A 535 17.54 3.46 29.42
CA PRO A 535 16.66 4.12 28.44
C PRO A 535 16.05 5.40 29.01
N LEU A 536 16.72 6.53 28.80
CA LEU A 536 16.24 7.81 29.30
C LEU A 536 15.02 8.28 28.50
N LEU A 537 14.23 9.16 29.11
CA LEU A 537 13.02 9.66 28.47
C LEU A 537 12.94 11.18 28.54
N TYR A 538 14.10 11.84 28.62
CA TYR A 538 14.12 13.29 28.68
C TYR A 538 14.51 13.89 27.33
N PRO A 539 15.64 13.41 26.77
CA PRO A 539 16.13 13.89 25.47
C PRO A 539 15.08 13.75 24.38
N ILE A 540 14.37 12.62 24.34
CA ILE A 540 13.35 12.38 23.33
C ILE A 540 12.12 13.27 23.49
N VAL A 541 11.85 13.71 24.71
CA VAL A 541 10.71 14.56 24.98
C VAL A 541 11.02 16.03 24.74
N SER A 542 12.22 16.45 25.15
CA SER A 542 12.64 17.84 24.98
C SER A 542 12.51 18.29 23.53
N GLN A 543 13.04 17.49 22.62
CA GLN A 543 12.99 17.80 21.20
C GLN A 543 11.54 18.00 20.74
N MET A 544 10.68 17.07 21.14
CA MET A 544 9.26 17.12 20.79
C MET A 544 8.60 18.48 21.03
N PHE A 545 8.85 19.05 22.20
CA PHE A 545 8.28 20.34 22.56
C PHE A 545 8.91 21.47 21.75
N GLY A 546 9.98 21.16 21.04
CA GLY A 546 10.67 22.13 20.22
C GLY A 546 11.65 23.01 20.97
N ASP B 317 15.31 -11.29 -27.16
CA ASP B 317 15.73 -10.47 -26.03
C ASP B 317 14.99 -10.87 -24.76
N LYS B 318 15.62 -10.61 -23.62
CA LYS B 318 15.02 -10.93 -22.32
C LYS B 318 15.73 -10.11 -21.25
N TYR B 319 14.96 -9.36 -20.46
CA TYR B 319 15.50 -8.53 -19.39
C TYR B 319 16.58 -7.58 -19.91
N LYS B 320 16.30 -6.95 -21.05
CA LYS B 320 17.23 -6.08 -21.74
C LYS B 320 17.04 -4.61 -21.37
N ASP B 321 16.63 -4.32 -20.15
CA ASP B 321 16.22 -2.96 -19.78
C ASP B 321 17.45 -2.11 -19.43
N TRP B 322 17.18 -0.95 -18.82
CA TRP B 322 18.21 0.04 -18.57
C TRP B 322 19.18 -0.42 -17.49
N HIS B 323 18.67 -0.90 -16.36
CA HIS B 323 19.49 -1.48 -15.29
C HIS B 323 20.52 -0.47 -14.77
N PHE B 324 20.00 0.58 -14.14
CA PHE B 324 20.87 1.58 -13.52
C PHE B 324 21.74 0.94 -12.44
N ILE B 325 21.10 0.25 -11.49
CA ILE B 325 21.80 -0.40 -10.37
C ILE B 325 22.61 -1.55 -10.93
N SER B 326 23.94 -1.43 -10.88
CA SER B 326 24.82 -2.44 -11.44
C SER B 326 25.18 -3.53 -10.43
N LYS B 327 25.55 -3.13 -9.22
CA LYS B 327 25.93 -4.09 -8.20
C LYS B 327 24.91 -4.23 -7.07
N ASN B 328 25.19 -5.16 -6.16
CA ASN B 328 24.33 -5.42 -5.01
C ASN B 328 24.30 -4.23 -4.06
N CYS B 329 23.17 -4.07 -3.38
CA CYS B 329 23.03 -2.97 -2.42
C CYS B 329 23.68 -3.35 -1.10
N HIS B 330 24.37 -2.40 -0.50
CA HIS B 330 25.05 -2.63 0.77
C HIS B 330 24.04 -2.84 1.87
N TYR B 331 23.49 -4.06 1.91
CA TYR B 331 22.47 -4.46 2.87
C TYR B 331 22.67 -3.99 4.31
N GLU B 332 23.66 -4.55 4.97
CA GLU B 332 23.97 -4.20 6.36
C GLU B 332 24.08 -2.70 6.61
N GLN B 333 24.80 -2.00 5.75
CA GLN B 333 24.96 -0.56 5.88
C GLN B 333 23.64 0.18 5.71
N LEU B 334 22.81 -0.33 4.79
CA LEU B 334 21.50 0.26 4.53
C LEU B 334 20.60 0.01 5.72
N MET B 335 20.63 -1.22 6.22
CA MET B 335 19.82 -1.60 7.36
C MET B 335 20.16 -0.68 8.53
N ASP B 336 21.46 -0.45 8.73
CA ASP B 336 21.91 0.43 9.79
C ASP B 336 21.26 1.79 9.59
N LEU B 337 21.34 2.29 8.35
CA LEU B 337 20.72 3.58 8.03
C LEU B 337 19.20 3.50 8.15
N GLU B 338 18.63 2.30 7.96
CA GLU B 338 17.18 2.14 8.05
C GLU B 338 16.69 2.38 9.47
N MET B 339 17.49 2.01 10.47
CA MET B 339 17.18 2.33 11.85
C MET B 339 17.36 3.83 12.10
N LYS B 340 17.08 4.26 13.32
CA LYS B 340 17.16 5.65 13.72
C LYS B 340 16.31 6.57 12.85
N ASP B 341 15.34 6.00 12.13
CA ASP B 341 14.51 6.75 11.21
C ASP B 341 13.03 6.64 11.50
N THR B 342 12.56 5.53 12.07
CA THR B 342 11.15 5.38 12.39
C THR B 342 10.73 6.38 13.46
N ALA B 343 11.40 6.35 14.62
CA ALA B 343 11.14 7.34 15.64
C ALA B 343 11.54 8.73 15.18
N TYR B 344 12.53 8.83 14.30
CA TYR B 344 12.90 10.12 13.72
C TYR B 344 11.76 10.68 12.87
N SER B 345 11.21 9.84 12.01
CA SER B 345 10.13 10.24 11.12
C SER B 345 8.85 10.50 11.92
N PHE B 346 8.65 9.70 12.96
CA PHE B 346 7.47 9.84 13.79
C PHE B 346 7.69 10.87 14.89
N LEU B 347 8.95 11.15 15.19
CA LEU B 347 9.28 12.11 16.23
C LEU B 347 10.42 13.03 15.82
N GLU B 359 19.15 16.08 6.72
CA GLU B 359 18.80 15.15 7.80
C GLU B 359 19.73 15.33 8.98
N PHE B 360 19.25 14.96 10.17
CA PHE B 360 20.07 15.07 11.37
C PHE B 360 21.19 14.04 11.38
N VAL B 361 20.93 12.84 10.84
CA VAL B 361 21.92 11.79 10.73
C VAL B 361 22.34 11.72 9.27
N HIS B 362 23.52 12.26 8.96
CA HIS B 362 24.09 12.23 7.62
C HIS B 362 25.57 11.88 7.65
N LEU B 363 26.08 11.42 8.79
CA LEU B 363 27.51 11.16 8.91
C LEU B 363 27.92 9.91 8.16
N LYS B 364 27.00 8.95 8.00
CA LYS B 364 27.32 7.72 7.28
C LYS B 364 27.64 8.02 5.82
N CYS B 365 26.67 8.54 5.08
CA CYS B 365 26.89 8.97 3.71
C CYS B 365 26.82 10.49 3.66
N PRO B 366 27.90 11.18 3.34
CA PRO B 366 27.87 12.65 3.35
C PRO B 366 27.07 13.24 2.19
N SER B 367 27.23 12.69 0.99
CA SER B 367 26.69 13.28 -0.21
C SER B 367 25.74 12.32 -0.92
N ILE B 368 25.03 12.86 -1.91
CA ILE B 368 24.08 12.07 -2.68
C ILE B 368 24.80 11.03 -3.52
N THR B 369 26.04 11.31 -3.96
CA THR B 369 26.81 10.28 -4.64
C THR B 369 27.09 9.10 -3.71
N ASN B 370 27.42 9.39 -2.46
CA ASN B 370 27.63 8.32 -1.48
C ASN B 370 26.34 7.56 -1.23
N LEU B 371 25.22 8.27 -1.12
CA LEU B 371 23.94 7.58 -0.95
C LEU B 371 23.63 6.66 -2.12
N LEU B 372 23.90 7.12 -3.34
CA LEU B 372 23.67 6.29 -4.51
C LEU B 372 24.56 5.05 -4.50
N VAL B 373 25.88 5.25 -4.36
CA VAL B 373 26.78 4.10 -4.38
C VAL B 373 26.47 3.14 -3.24
N LEU B 374 25.85 3.64 -2.17
CA LEU B 374 25.38 2.75 -1.10
C LEU B 374 24.29 1.82 -1.62
N PHE B 375 23.43 2.30 -2.50
CA PHE B 375 22.42 1.46 -3.15
C PHE B 375 23.00 0.50 -4.15
N GLY B 376 24.33 0.43 -4.30
CA GLY B 376 24.90 -0.30 -5.41
C GLY B 376 24.55 0.30 -6.74
N VAL B 377 24.36 1.63 -6.78
CA VAL B 377 23.80 2.27 -7.97
C VAL B 377 24.76 2.18 -9.15
N ASN B 378 25.99 2.65 -8.98
CA ASN B 378 26.89 2.77 -10.12
C ASN B 378 28.32 2.87 -9.65
N GLN B 379 29.24 2.34 -10.44
CA GLN B 379 30.68 2.42 -10.16
C GLN B 379 31.14 3.84 -10.47
N GLU B 380 30.75 4.77 -9.61
CA GLU B 380 31.16 6.18 -9.70
C GLU B 380 30.74 6.79 -11.04
N LYS B 381 29.43 6.92 -11.22
CA LYS B 381 28.88 7.62 -12.38
C LYS B 381 28.47 9.04 -12.01
N LEU B 385 25.33 11.02 -15.44
CA LEU B 385 24.06 10.32 -15.38
C LEU B 385 23.35 10.44 -16.74
N LYS B 386 23.78 9.63 -17.70
CA LYS B 386 23.22 9.62 -19.03
C LYS B 386 23.42 8.31 -19.77
N ILE B 387 22.33 7.71 -20.24
CA ILE B 387 22.43 6.44 -20.93
C ILE B 387 23.30 6.60 -22.17
N ASN B 388 24.39 5.85 -22.20
CA ASN B 388 25.33 5.87 -23.32
C ASN B 388 24.89 4.78 -24.30
N TYR B 389 24.09 5.17 -25.29
CA TYR B 389 23.59 4.19 -26.25
C TYR B 389 24.67 3.72 -27.22
N GLU B 390 25.68 4.54 -27.46
CA GLU B 390 26.83 4.11 -28.25
C GLU B 390 27.49 2.96 -27.51
N LYS B 391 27.50 3.01 -26.18
CA LYS B 391 28.03 1.95 -25.35
C LYS B 391 27.00 0.86 -25.06
N LYS B 392 25.85 0.91 -25.73
CA LYS B 392 24.78 -0.09 -25.57
C LYS B 392 24.28 -0.14 -24.13
N GLU B 393 24.23 1.02 -23.46
CA GLU B 393 23.78 1.06 -22.08
C GLU B 393 22.29 0.81 -21.94
N ASN B 394 21.51 0.97 -23.01
CA ASN B 394 20.07 0.79 -22.94
C ASN B 394 19.65 -0.67 -23.04
N SER B 395 20.58 -1.59 -23.30
CA SER B 395 20.27 -3.02 -23.36
C SER B 395 21.33 -3.76 -22.56
N ARG B 396 21.09 -3.92 -21.26
CA ARG B 396 22.00 -4.59 -20.36
C ARG B 396 21.52 -6.03 -20.11
N TYR B 397 22.11 -6.69 -19.12
CA TYR B 397 21.76 -8.06 -18.79
C TYR B 397 21.14 -8.16 -17.40
N ASP B 398 20.75 -9.37 -17.00
CA ASP B 398 20.11 -9.57 -15.71
C ASP B 398 21.05 -9.23 -14.56
N ASN B 399 22.14 -10.01 -14.43
CA ASN B 399 23.18 -9.85 -13.42
C ASN B 399 22.70 -10.27 -12.03
N LEU B 400 21.41 -10.56 -11.91
CA LEU B 400 20.81 -11.13 -10.70
C LEU B 400 21.26 -10.38 -9.43
N CYS B 401 20.98 -9.08 -9.42
CA CYS B 401 21.38 -8.21 -8.33
C CYS B 401 20.18 -7.91 -7.43
N THR B 402 20.45 -7.78 -6.13
CA THR B 402 19.39 -7.50 -5.16
C THR B 402 19.20 -6.00 -5.01
N ILE B 403 17.99 -5.62 -4.58
CA ILE B 403 17.61 -4.23 -4.44
C ILE B 403 16.87 -4.05 -3.11
N PHE B 404 17.11 -2.92 -2.47
CA PHE B 404 16.41 -2.55 -1.26
C PHE B 404 14.98 -2.13 -1.61
N PRO B 405 14.04 -2.25 -0.66
CA PRO B 405 12.68 -1.76 -0.92
C PRO B 405 12.66 -0.36 -1.49
N VAL B 406 11.88 -0.20 -2.57
CA VAL B 406 11.88 1.04 -3.33
C VAL B 406 11.37 2.23 -2.53
N ASN B 407 10.40 2.00 -1.63
CA ASN B 407 9.94 3.11 -0.80
C ASN B 407 11.04 3.60 0.13
N LYS B 408 11.83 2.68 0.67
CA LYS B 408 12.99 3.08 1.47
C LYS B 408 14.02 3.81 0.62
N MET B 409 14.23 3.34 -0.62
CA MET B 409 15.15 4.02 -1.52
C MET B 409 14.73 5.46 -1.76
N LEU B 410 13.45 5.67 -2.09
CA LEU B 410 12.94 7.00 -2.39
C LEU B 410 12.73 7.85 -1.15
N LYS B 411 12.72 7.25 0.04
CA LYS B 411 12.71 8.05 1.26
C LYS B 411 14.11 8.46 1.68
N PHE B 412 15.11 7.63 1.41
CA PHE B 412 16.49 8.01 1.66
C PHE B 412 16.96 9.07 0.66
N LEU B 413 16.63 8.88 -0.62
CA LEU B 413 17.07 9.81 -1.65
C LEU B 413 16.46 11.19 -1.46
N MET B 414 15.29 11.27 -0.84
CA MET B 414 14.61 12.54 -0.66
C MET B 414 15.09 13.30 0.57
N TYR B 415 16.15 12.84 1.23
CA TYR B 415 16.79 13.64 2.27
C TYR B 415 17.83 14.58 1.68
N PHE B 416 18.49 14.18 0.61
CA PHE B 416 19.43 15.04 -0.11
C PHE B 416 18.73 15.82 -1.20
N TYR B 417 17.67 16.54 -0.83
CA TYR B 417 16.90 17.32 -1.79
C TYR B 417 17.47 18.73 -1.95
N SER B 418 17.60 19.46 -0.85
CA SER B 418 18.20 20.80 -0.83
C SER B 418 17.45 21.75 -1.77
N ASP B 419 16.19 22.00 -1.40
CA ASP B 419 15.34 22.91 -2.17
C ASP B 419 16.02 24.26 -2.39
N ASP B 420 16.55 24.86 -1.34
CA ASP B 420 17.23 26.14 -1.42
C ASP B 420 18.74 25.89 -1.53
N ASP B 421 19.17 25.54 -2.74
CA ASP B 421 20.57 25.26 -3.01
C ASP B 421 20.87 25.61 -4.46
N ASN B 422 22.05 25.23 -4.93
CA ASN B 422 22.47 25.55 -6.28
C ASN B 422 21.75 24.64 -7.28
N ASP B 423 21.88 24.99 -8.56
CA ASP B 423 21.24 24.24 -9.63
C ASP B 423 22.10 23.06 -10.11
N ASP B 424 23.41 23.17 -9.99
CA ASP B 424 24.28 22.09 -10.46
C ASP B 424 24.18 20.84 -9.59
N VAL B 425 23.61 20.95 -8.40
CA VAL B 425 23.44 19.80 -7.51
C VAL B 425 22.01 19.30 -7.63
N ARG B 426 21.06 20.23 -7.80
CA ARG B 426 19.67 19.82 -7.98
C ARG B 426 19.47 19.10 -9.31
N GLU B 427 20.21 19.49 -10.34
CA GLU B 427 20.15 18.75 -11.60
C GLU B 427 20.68 17.33 -11.43
N PHE B 428 21.73 17.17 -10.63
CA PHE B 428 22.23 15.82 -10.36
C PHE B 428 21.21 15.01 -9.56
N PHE B 429 20.55 15.65 -8.59
CA PHE B 429 19.50 14.98 -7.83
C PHE B 429 18.38 14.51 -8.76
N LEU B 430 17.91 15.39 -9.64
CA LEU B 430 16.83 15.05 -10.56
C LEU B 430 17.24 13.95 -11.52
N LYS B 431 18.46 14.03 -12.07
CA LYS B 431 18.93 12.98 -12.98
C LYS B 431 19.06 11.65 -12.26
N ALA B 432 19.55 11.67 -11.01
CA ALA B 432 19.67 10.44 -10.24
C ALA B 432 18.30 9.84 -9.96
N PHE B 433 17.30 10.69 -9.70
CA PHE B 433 15.96 10.18 -9.48
C PHE B 433 15.38 9.57 -10.77
N ILE B 434 15.57 10.25 -11.90
CA ILE B 434 14.99 9.77 -13.15
C ILE B 434 15.66 8.48 -13.59
N CYS B 435 16.99 8.38 -13.47
CA CYS B 435 17.67 7.15 -13.85
C CYS B 435 17.25 5.99 -12.95
N LEU B 436 17.09 6.26 -11.66
CA LEU B 436 16.59 5.24 -10.74
C LEU B 436 15.08 5.32 -10.58
N ILE B 437 14.36 5.45 -11.69
CA ILE B 437 12.93 5.19 -11.70
C ILE B 437 12.59 4.44 -12.98
N LEU B 438 13.53 4.46 -13.94
CA LEU B 438 13.33 3.90 -15.27
C LEU B 438 13.89 2.50 -15.44
N ASP B 439 14.73 2.02 -14.54
CA ASP B 439 15.31 0.70 -14.73
C ASP B 439 14.30 -0.38 -14.34
N ARG B 440 14.53 -1.59 -14.83
CA ARG B 440 13.58 -2.67 -14.63
C ARG B 440 13.45 -3.04 -13.15
N LYS B 441 14.58 -3.04 -12.43
CA LYS B 441 14.57 -3.44 -11.03
C LYS B 441 13.62 -2.58 -10.20
N VAL B 442 13.78 -1.25 -10.30
CA VAL B 442 12.90 -0.34 -9.57
C VAL B 442 11.50 -0.26 -10.18
N PHE B 443 11.33 -0.67 -11.43
CA PHE B 443 10.02 -0.62 -12.07
C PHE B 443 9.18 -1.85 -11.77
N ASN B 444 9.79 -3.03 -11.79
CA ASN B 444 9.09 -4.28 -11.53
C ASN B 444 9.05 -4.65 -10.06
N ALA B 445 9.47 -3.73 -9.21
CA ALA B 445 9.49 -3.93 -7.76
C ALA B 445 9.03 -2.64 -7.14
N MET B 446 7.78 -2.28 -7.39
CA MET B 446 7.21 -1.06 -6.88
C MET B 446 5.91 -1.31 -6.15
N GLU B 447 5.57 -0.39 -5.24
CA GLU B 447 4.34 -0.51 -4.48
C GLU B 447 3.15 -0.32 -5.39
N SER B 448 2.04 -0.99 -5.08
CA SER B 448 0.83 -0.90 -5.89
C SER B 448 0.31 0.53 -5.91
N ASP B 449 0.35 1.19 -4.76
CA ASP B 449 -0.08 2.57 -4.65
C ASP B 449 1.17 3.43 -4.68
N HIS B 450 1.23 4.38 -5.60
CA HIS B 450 2.39 5.24 -5.71
C HIS B 450 2.19 6.55 -5.00
N ARG B 451 3.01 6.81 -4.00
CA ARG B 451 2.94 8.05 -3.25
C ARG B 451 4.22 8.84 -3.43
N LEU B 452 5.33 8.16 -3.21
CA LEU B 452 6.66 8.76 -3.33
C LEU B 452 7.00 9.21 -4.75
N CYS B 453 6.64 8.40 -5.74
CA CYS B 453 6.92 8.72 -7.13
C CYS B 453 6.23 9.99 -7.57
N PHE B 454 4.99 10.18 -7.14
CA PHE B 454 4.24 11.36 -7.51
C PHE B 454 4.64 12.56 -6.67
N LYS B 455 5.10 12.30 -5.45
CA LYS B 455 5.57 13.35 -4.56
C LYS B 455 6.94 13.87 -4.99
N VAL B 456 7.80 13.01 -5.49
CA VAL B 456 9.10 13.45 -5.98
C VAL B 456 8.96 14.25 -7.27
N LEU B 457 8.16 13.74 -8.22
CA LEU B 457 7.97 14.47 -9.46
C LEU B 457 7.33 15.84 -9.22
N GLU B 458 6.46 15.94 -8.20
CA GLU B 458 5.80 17.21 -7.90
C GLU B 458 6.77 18.28 -7.44
N LEU B 459 7.99 17.92 -7.06
CA LEU B 459 8.98 18.93 -6.65
C LEU B 459 9.46 19.72 -7.86
N PHE B 460 9.97 19.04 -8.87
CA PHE B 460 10.43 19.73 -10.07
C PHE B 460 9.24 20.24 -10.87
N ASN B 461 9.55 21.01 -11.92
CA ASN B 461 8.54 21.47 -12.85
C ASN B 461 8.35 20.44 -13.95
N GLU B 462 7.09 20.23 -14.36
CA GLU B 462 6.81 19.29 -15.42
C GLU B 462 7.56 19.65 -16.70
N ALA B 463 7.54 20.93 -17.08
CA ALA B 463 8.31 21.36 -18.23
C ALA B 463 9.80 21.23 -17.99
N HIS B 464 10.24 21.33 -16.74
CA HIS B 464 11.65 21.14 -16.43
C HIS B 464 12.02 19.68 -16.31
N PHE B 465 11.11 18.86 -15.75
CA PHE B 465 11.34 17.42 -15.71
C PHE B 465 11.44 16.84 -17.11
N ILE B 466 10.63 17.35 -18.04
CA ILE B 466 10.63 16.81 -19.39
C ILE B 466 11.55 17.57 -20.34
N ASN B 467 12.01 18.77 -19.96
CA ASN B 467 13.00 19.49 -20.76
C ASN B 467 14.40 18.98 -20.48
N SER B 468 14.77 18.93 -19.20
CA SER B 468 15.92 18.14 -18.77
C SER B 468 15.51 16.67 -18.71
N TYR B 469 15.07 16.18 -19.86
CA TYR B 469 14.34 14.93 -19.94
C TYR B 469 15.20 13.75 -19.52
N PHE B 470 14.55 12.61 -19.36
CA PHE B 470 15.27 11.35 -19.19
C PHE B 470 16.21 11.16 -20.37
N GLU B 471 17.50 11.10 -20.08
CA GLU B 471 18.50 11.22 -21.14
C GLU B 471 18.53 9.98 -22.02
N ILE B 472 17.48 9.81 -22.81
CA ILE B 472 17.42 8.80 -23.85
C ILE B 472 17.27 9.50 -25.19
N VAL B 473 17.88 8.92 -26.23
CA VAL B 473 17.81 9.52 -27.55
C VAL B 473 16.34 9.54 -28.01
N ASP B 474 16.03 10.47 -28.91
CA ASP B 474 14.65 10.66 -29.34
C ASP B 474 14.10 9.43 -30.06
N LYS B 475 14.97 8.65 -30.70
CA LYS B 475 14.50 7.47 -31.42
C LYS B 475 14.04 6.39 -30.45
N ASN B 476 14.95 5.96 -29.56
CA ASN B 476 14.60 5.00 -28.51
C ASN B 476 13.94 5.67 -27.31
N ASP B 477 13.44 6.90 -27.48
CA ASP B 477 12.69 7.59 -26.45
C ASP B 477 11.35 6.92 -26.16
N PHE B 478 10.91 5.99 -27.01
CA PHE B 478 9.55 5.48 -26.91
C PHE B 478 9.44 4.20 -26.09
N PHE B 479 10.40 3.29 -26.15
CA PHE B 479 10.35 2.14 -25.25
C PHE B 479 10.44 2.58 -23.79
N LEU B 480 11.26 3.60 -23.51
CA LEU B 480 11.35 4.15 -22.17
C LEU B 480 10.30 5.21 -21.91
N HIS B 481 9.71 5.78 -22.95
CA HIS B 481 8.64 6.76 -22.78
C HIS B 481 7.32 6.07 -22.43
N TYR B 482 7.07 4.91 -23.03
CA TYR B 482 5.96 4.07 -22.57
C TYR B 482 6.10 3.76 -21.10
N ARG B 483 7.32 3.49 -20.63
CA ARG B 483 7.53 3.20 -19.22
C ARG B 483 7.29 4.45 -18.37
N LEU B 484 7.88 5.58 -18.75
CA LEU B 484 7.67 6.82 -18.01
C LEU B 484 6.19 7.20 -17.95
N LEU B 485 5.41 6.85 -18.98
CA LEU B 485 3.98 7.11 -18.97
C LEU B 485 3.20 6.05 -18.21
N GLN B 486 3.75 4.84 -18.08
CA GLN B 486 3.17 3.86 -17.17
C GLN B 486 3.34 4.27 -15.73
N ILE B 487 4.46 4.89 -15.39
CA ILE B 487 4.66 5.41 -14.04
C ILE B 487 3.84 6.68 -13.84
N PHE B 488 4.13 7.71 -14.62
CA PHE B 488 3.37 8.96 -14.59
C PHE B 488 2.59 9.08 -15.87
N PRO B 489 1.27 8.89 -15.87
CA PRO B 489 0.50 8.93 -17.11
C PRO B 489 -0.02 10.31 -17.50
N HIS B 490 0.12 11.31 -16.64
CA HIS B 490 -0.42 12.63 -16.93
C HIS B 490 0.47 13.46 -17.85
N LEU B 491 1.77 13.16 -17.92
CA LEU B 491 2.64 13.93 -18.79
C LEU B 491 2.86 13.23 -20.14
N GLN B 492 1.79 13.06 -20.90
CA GLN B 492 1.90 12.54 -22.27
C GLN B 492 1.77 13.62 -23.32
N SER B 493 0.78 14.50 -23.20
CA SER B 493 0.69 15.64 -24.10
C SER B 493 1.87 16.59 -23.89
N ALA B 494 2.30 16.75 -22.65
CA ALA B 494 3.47 17.58 -22.33
C ALA B 494 4.78 16.89 -22.66
N LEU B 495 4.74 15.69 -23.22
CA LEU B 495 5.93 14.93 -23.56
C LEU B 495 6.12 14.74 -25.05
N LEU B 496 5.05 14.83 -25.84
CA LEU B 496 5.19 14.76 -27.29
C LEU B 496 5.52 16.11 -27.90
N ARG B 497 5.18 17.20 -27.21
CA ARG B 497 5.59 18.53 -27.67
C ARG B 497 7.10 18.64 -27.75
N ARG B 498 7.78 18.33 -26.64
CA ARG B 498 9.24 18.39 -26.61
C ARG B 498 9.86 17.43 -27.62
N ARG B 499 9.20 16.30 -27.89
CA ARG B 499 9.72 15.37 -28.87
C ARG B 499 9.41 15.81 -30.30
N PHE B 500 8.24 16.41 -30.53
CA PHE B 500 7.80 16.81 -31.86
C PHE B 500 7.52 18.31 -31.85
N SER B 501 8.45 19.09 -32.40
CA SER B 501 8.28 20.53 -32.49
C SER B 501 9.15 21.12 -33.59
N THR B 509 -0.34 21.41 -37.57
CA THR B 509 0.18 21.47 -36.21
C THR B 509 1.35 20.51 -36.04
N ILE B 510 1.43 19.88 -34.87
CA ILE B 510 2.47 18.91 -34.58
C ILE B 510 2.16 17.52 -35.14
N GLN B 511 0.98 17.33 -35.73
CA GLN B 511 0.63 16.01 -36.26
C GLN B 511 1.39 15.68 -37.53
N GLN B 512 1.83 16.70 -38.27
CA GLN B 512 2.65 16.44 -39.45
C GLN B 512 3.94 15.73 -39.07
N ASN B 513 4.58 16.17 -37.99
CA ASN B 513 5.79 15.51 -37.51
C ASN B 513 5.48 14.09 -37.05
N ILE B 514 4.35 13.89 -36.38
CA ILE B 514 3.97 12.53 -35.94
C ILE B 514 3.82 11.61 -37.14
N ILE B 515 3.15 12.09 -38.19
CA ILE B 515 2.90 11.25 -39.36
C ILE B 515 4.20 11.00 -40.12
N LYS B 516 5.09 12.00 -40.14
CA LYS B 516 6.36 11.81 -40.82
C LYS B 516 7.25 10.84 -40.04
N GLU B 517 7.21 10.91 -38.72
CA GLU B 517 7.98 9.99 -37.89
C GLU B 517 7.37 8.59 -37.85
N PHE B 518 6.08 8.45 -38.17
CA PHE B 518 5.56 7.12 -38.44
C PHE B 518 6.32 6.45 -39.58
N ASN B 519 6.60 7.20 -40.63
CA ASN B 519 7.56 6.78 -41.64
C ASN B 519 8.98 6.93 -41.09
N GLU B 520 9.91 6.25 -41.76
CA GLU B 520 11.30 6.08 -41.31
C GLU B 520 11.35 5.10 -40.14
N PHE B 521 10.18 4.72 -39.63
CA PHE B 521 10.00 3.55 -38.80
C PHE B 521 9.35 2.40 -39.57
N PHE B 522 8.37 2.73 -40.42
CA PHE B 522 7.84 1.76 -41.36
C PHE B 522 8.71 1.64 -42.60
N ASP B 523 9.38 2.74 -42.99
CA ASP B 523 10.34 2.66 -44.09
C ASP B 523 11.49 1.73 -43.74
N CYS B 524 12.02 1.84 -42.52
CA CYS B 524 12.92 0.85 -41.99
C CYS B 524 12.10 -0.30 -41.40
N LYS B 525 12.79 -1.30 -40.83
CA LYS B 525 12.13 -2.42 -40.18
C LYS B 525 12.05 -2.23 -38.67
N ASN B 526 12.08 -0.98 -38.19
CA ASN B 526 12.02 -0.69 -36.76
C ASN B 526 10.56 -0.79 -36.32
N TYR B 527 10.11 -2.04 -36.15
CA TYR B 527 8.72 -2.27 -35.76
C TYR B 527 8.53 -2.16 -34.26
N LYS B 528 9.48 -2.66 -33.47
CA LYS B 528 9.38 -2.57 -32.01
C LYS B 528 9.24 -1.12 -31.58
N ASN B 529 10.18 -0.27 -32.01
CA ASN B 529 10.07 1.15 -31.69
C ASN B 529 8.83 1.76 -32.32
N LEU B 530 8.37 1.21 -33.45
CA LEU B 530 7.10 1.66 -34.01
C LEU B 530 5.93 1.27 -33.11
N LEU B 531 5.97 0.06 -32.55
CA LEU B 531 4.92 -0.37 -31.63
C LEU B 531 4.87 0.52 -30.40
N TYR B 532 6.03 0.83 -29.83
CA TYR B 532 6.04 1.67 -28.64
C TYR B 532 5.72 3.12 -28.96
N PHE B 533 6.05 3.57 -30.18
CA PHE B 533 5.60 4.87 -30.65
C PHE B 533 4.09 4.93 -30.74
N ILE B 534 3.47 3.86 -31.26
CA ILE B 534 2.02 3.78 -31.31
C ILE B 534 1.44 3.85 -29.89
N LEU B 535 1.95 3.01 -28.99
CA LEU B 535 1.45 2.96 -27.62
C LEU B 535 1.68 4.27 -26.87
N THR B 536 2.66 5.07 -27.28
CA THR B 536 2.95 6.32 -26.59
C THR B 536 2.04 7.45 -27.06
N MET B 537 1.78 7.52 -28.37
CA MET B 537 1.06 8.65 -28.94
C MET B 537 -0.45 8.49 -28.91
N TYR B 538 -0.95 7.26 -28.92
CA TYR B 538 -2.38 7.03 -29.04
C TYR B 538 -3.11 7.44 -27.77
N GLY B 539 -4.20 8.17 -27.94
CA GLY B 539 -4.97 8.70 -26.84
C GLY B 539 -4.71 10.14 -26.52
N SER B 540 -3.72 10.76 -27.15
CA SER B 540 -3.40 12.15 -26.92
C SER B 540 -4.37 13.05 -27.67
N LYS B 541 -4.12 14.36 -27.63
CA LYS B 541 -4.93 15.29 -28.39
C LYS B 541 -4.62 15.24 -29.89
N PHE B 542 -3.54 14.56 -30.28
CA PHE B 542 -3.15 14.47 -31.68
C PHE B 542 -3.68 13.21 -32.34
N ILE B 543 -3.63 12.07 -31.65
CA ILE B 543 -4.12 10.81 -32.20
C ILE B 543 -5.18 10.25 -31.26
N PRO B 544 -6.39 10.78 -31.25
CA PRO B 544 -7.42 10.29 -30.33
C PRO B 544 -7.90 8.90 -30.69
N PHE B 545 -8.71 8.33 -29.81
CA PHE B 545 -9.29 7.02 -30.01
C PHE B 545 -10.54 7.11 -30.89
N GLY B 546 -10.97 5.96 -31.38
CA GLY B 546 -12.21 5.88 -32.13
C GLY B 546 -12.00 5.43 -33.55
N PRO B 547 -13.11 5.30 -34.31
CA PRO B 547 -13.00 4.85 -35.70
C PRO B 547 -12.60 5.95 -36.67
N LYS B 548 -12.65 7.21 -36.26
CA LYS B 548 -12.25 8.34 -37.09
C LYS B 548 -13.04 8.40 -38.40
N GLU B 553 -4.95 10.06 -38.90
CA GLU B 553 -4.63 8.64 -38.71
C GLU B 553 -5.00 7.81 -39.93
N TYR B 554 -3.98 7.15 -40.48
CA TYR B 554 -4.16 6.25 -41.62
C TYR B 554 -3.13 5.14 -41.50
N PHE B 555 -2.80 4.81 -40.24
CA PHE B 555 -1.82 3.77 -39.92
C PHE B 555 -2.29 2.37 -40.26
N LYS B 556 -3.56 2.09 -39.98
CA LYS B 556 -4.13 0.77 -40.24
C LYS B 556 -3.90 0.33 -41.68
N ASP B 557 -4.18 1.20 -42.63
CA ASP B 557 -3.98 0.90 -44.04
C ASP B 557 -2.54 0.48 -44.30
N CYS B 558 -1.59 1.24 -43.77
CA CYS B 558 -0.17 0.94 -43.95
C CYS B 558 0.16 -0.46 -43.44
N ILE B 559 -0.19 -0.72 -42.18
CA ILE B 559 0.09 -2.02 -41.58
C ILE B 559 -0.52 -3.15 -42.41
N LEU B 560 -1.77 -2.98 -42.81
CA LEU B 560 -2.47 -3.98 -43.61
C LEU B 560 -1.66 -4.30 -44.85
N ASP B 561 -0.90 -3.31 -45.31
CA ASP B 561 -0.05 -3.45 -46.48
C ASP B 561 1.34 -3.99 -46.15
N ILE B 562 1.81 -3.78 -44.92
CA ILE B 562 3.12 -4.28 -44.52
C ILE B 562 3.12 -5.78 -44.30
N SER B 563 1.96 -6.38 -44.03
CA SER B 563 1.88 -7.81 -43.78
C SER B 563 2.04 -8.61 -45.08
N VAL B 570 6.15 -11.72 -36.74
CA VAL B 570 5.29 -12.10 -35.63
C VAL B 570 5.04 -10.93 -34.70
N GLU B 571 5.84 -9.88 -34.84
CA GLU B 571 5.70 -8.69 -34.01
C GLU B 571 4.75 -7.69 -34.66
N ILE B 572 4.37 -7.96 -35.90
CA ILE B 572 3.46 -7.09 -36.64
C ILE B 572 2.02 -7.31 -36.24
N SER B 573 1.67 -8.56 -35.95
CA SER B 573 0.31 -8.91 -35.56
C SER B 573 -0.17 -8.05 -34.38
N ILE B 574 0.64 -7.99 -33.33
CA ILE B 574 0.31 -7.20 -32.15
C ILE B 574 -0.02 -5.77 -32.52
N LEU B 575 0.67 -5.21 -33.52
CA LEU B 575 0.35 -3.88 -33.99
C LEU B 575 -1.08 -3.82 -34.54
N LYS B 576 -1.45 -4.82 -35.33
CA LYS B 576 -2.81 -4.88 -35.88
C LYS B 576 -3.85 -4.99 -34.79
N GLY B 577 -3.60 -5.87 -33.80
CA GLY B 577 -4.57 -6.02 -32.72
C GLY B 577 -4.73 -4.75 -31.92
N ILE B 578 -3.62 -4.10 -31.59
CA ILE B 578 -3.71 -2.86 -30.82
C ILE B 578 -4.41 -1.77 -31.61
N LEU B 579 -4.18 -1.72 -32.93
CA LEU B 579 -4.84 -0.71 -33.76
C LEU B 579 -6.33 -0.97 -33.87
N ASN B 580 -6.74 -2.23 -34.03
CA ASN B 580 -8.15 -2.57 -34.02
C ASN B 580 -8.79 -2.18 -32.69
N LEU B 581 -8.13 -2.52 -31.58
CA LEU B 581 -8.65 -2.17 -30.26
C LEU B 581 -8.83 -0.67 -30.13
N PHE B 582 -7.82 0.11 -30.53
CA PHE B 582 -7.90 1.55 -30.40
C PHE B 582 -8.94 2.15 -31.33
N SER B 583 -9.20 1.51 -32.47
CA SER B 583 -10.26 1.99 -33.35
C SER B 583 -11.64 1.69 -32.78
N LYS B 584 -11.78 0.59 -32.05
CA LYS B 584 -13.06 0.25 -31.42
C LYS B 584 -13.14 0.84 -30.00
N ILE B 585 -12.90 2.14 -29.91
CA ILE B 585 -13.03 2.84 -28.64
C ILE B 585 -13.72 4.18 -28.85
#